data_6PX7
#
_entry.id   6PX7
#
_entity_poly.entity_id   1
_entity_poly.type   'polypeptide(L)'
_entity_poly.pdbx_seq_one_letter_code
;SQEQRQCKKIGEHCYVADECCSKRCLFYAAKCVS
;
_entity_poly.pdbx_strand_id   A
#
# COMPACT_ATOMS: atom_id res chain seq x y z
N SER A 1 -2.24 -21.58 -10.83
CA SER A 1 -2.23 -21.51 -9.37
C SER A 1 -2.92 -20.25 -8.88
N GLN A 2 -3.12 -20.17 -7.57
CA GLN A 2 -3.77 -19.01 -6.97
C GLN A 2 -3.10 -18.61 -5.66
N GLU A 3 -2.25 -17.60 -5.72
CA GLU A 3 -1.53 -17.13 -4.53
C GLU A 3 -2.17 -15.85 -3.99
N GLN A 4 -2.27 -15.77 -2.67
CA GLN A 4 -2.85 -14.60 -2.02
C GLN A 4 -1.83 -13.88 -1.15
N ARG A 5 -1.14 -12.90 -1.73
CA ARG A 5 -0.13 -12.14 -1.01
C ARG A 5 -0.39 -10.64 -1.14
N GLN A 6 -0.45 -9.95 0.00
CA GLN A 6 -0.69 -8.52 0.02
C GLN A 6 0.29 -7.81 0.95
N CYS A 7 0.85 -6.71 0.48
CA CYS A 7 1.81 -5.94 1.27
C CYS A 7 1.10 -4.85 2.07
N LYS A 8 0.32 -4.03 1.39
CA LYS A 8 -0.42 -2.95 2.03
C LYS A 8 -1.57 -2.47 1.15
N LYS A 9 -2.78 -2.87 1.50
CA LYS A 9 -3.98 -2.47 0.75
C LYS A 9 -4.43 -1.08 1.15
N ILE A 10 -5.59 -0.67 0.63
CA ILE A 10 -6.13 0.65 0.94
C ILE A 10 -6.42 0.79 2.43
N GLY A 11 -5.79 1.78 3.05
CA GLY A 11 -5.98 2.02 4.47
C GLY A 11 -4.80 1.56 5.30
N GLU A 12 -3.76 1.07 4.62
CA GLU A 12 -2.56 0.60 5.31
C GLU A 12 -1.56 1.73 5.48
N HIS A 13 -0.47 1.44 6.19
CA HIS A 13 0.58 2.43 6.43
C HIS A 13 1.78 2.18 5.52
N CYS A 14 2.39 3.26 5.04
CA CYS A 14 3.54 3.17 4.16
C CYS A 14 4.24 4.52 4.01
N TYR A 15 5.55 4.49 3.88
CA TYR A 15 6.33 5.72 3.73
C TYR A 15 6.45 6.12 2.25
N VAL A 16 6.51 5.11 1.39
CA VAL A 16 6.61 5.35 -0.05
C VAL A 16 5.64 4.46 -0.82
N ALA A 17 5.60 4.65 -2.14
CA ALA A 17 4.72 3.87 -2.99
C ALA A 17 5.18 2.42 -3.08
N ASP A 18 6.49 2.23 -3.21
CA ASP A 18 7.05 0.88 -3.30
C ASP A 18 6.63 0.04 -2.11
N GLU A 19 6.49 0.68 -0.95
CA GLU A 19 6.08 -0.01 0.26
C GLU A 19 4.70 -0.64 0.11
N CYS A 20 3.85 0.02 -0.68
CA CYS A 20 2.50 -0.47 -0.92
C CYS A 20 2.45 -1.39 -2.13
N CYS A 21 1.90 -2.59 -1.94
CA CYS A 21 1.79 -3.55 -3.02
C CYS A 21 0.97 -3.00 -4.18
N SER A 22 0.04 -2.11 -3.87
CA SER A 22 -0.81 -1.49 -4.88
C SER A 22 -0.11 -0.30 -5.53
N LYS A 23 0.94 0.19 -4.87
CA LYS A 23 1.69 1.32 -5.39
C LYS A 23 0.83 2.58 -5.42
N ARG A 24 0.12 2.84 -4.34
CA ARG A 24 -0.76 4.00 -4.25
C ARG A 24 -0.49 4.78 -2.95
N CYS A 25 0.76 4.76 -2.50
CA CYS A 25 1.14 5.45 -1.28
C CYS A 25 1.53 6.90 -1.57
N LEU A 26 1.32 7.77 -0.59
CA LEU A 26 1.64 9.19 -0.75
C LEU A 26 2.42 9.70 0.46
N PHE A 27 3.26 10.70 0.23
CA PHE A 27 4.05 11.29 1.30
C PHE A 27 3.18 12.01 2.31
N TYR A 28 2.05 12.53 1.85
CA TYR A 28 1.11 13.25 2.70
C TYR A 28 0.14 12.29 3.37
N ALA A 29 -0.48 11.43 2.56
CA ALA A 29 -1.44 10.46 3.06
C ALA A 29 -0.75 9.39 3.91
N ALA A 30 0.42 8.96 3.46
CA ALA A 30 1.18 7.94 4.18
C ALA A 30 0.41 6.63 4.26
N LYS A 31 -0.68 6.55 3.52
CA LYS A 31 -1.51 5.35 3.51
C LYS A 31 -2.03 5.05 2.10
N CYS A 32 -2.04 3.78 1.73
CA CYS A 32 -2.51 3.37 0.42
C CYS A 32 -3.89 3.94 0.13
N VAL A 33 -3.96 4.84 -0.85
CA VAL A 33 -5.22 5.47 -1.23
C VAL A 33 -5.60 5.12 -2.66
N SER A 34 -6.86 4.73 -2.85
CA SER A 34 -7.36 4.36 -4.17
C SER A 34 -7.09 5.47 -5.18
N SER A 1 -7.50 -22.24 1.05
CA SER A 1 -7.61 -21.51 2.30
C SER A 1 -7.20 -20.05 2.12
N GLN A 2 -5.90 -19.84 1.95
CA GLN A 2 -5.36 -18.49 1.76
C GLN A 2 -5.84 -17.90 0.44
N GLU A 3 -5.47 -16.64 0.20
CA GLU A 3 -5.87 -15.96 -1.02
C GLU A 3 -4.80 -14.95 -1.46
N GLN A 4 -3.55 -15.38 -1.44
CA GLN A 4 -2.43 -14.52 -1.82
C GLN A 4 -2.39 -13.27 -0.96
N ARG A 5 -1.59 -13.31 0.10
CA ARG A 5 -1.46 -12.18 1.01
C ARG A 5 -0.78 -11.01 0.31
N GLN A 6 -1.29 -9.80 0.56
CA GLN A 6 -0.73 -8.60 -0.04
C GLN A 6 0.23 -7.90 0.92
N CYS A 7 0.82 -6.80 0.47
CA CYS A 7 1.75 -6.04 1.29
C CYS A 7 1.03 -4.94 2.07
N LYS A 8 0.27 -4.12 1.34
CA LYS A 8 -0.47 -3.03 1.97
C LYS A 8 -1.59 -2.54 1.05
N LYS A 9 -2.82 -2.92 1.37
CA LYS A 9 -3.97 -2.52 0.57
C LYS A 9 -4.44 -1.11 0.95
N ILE A 10 -5.56 -0.70 0.39
CA ILE A 10 -6.11 0.63 0.67
C ILE A 10 -6.44 0.78 2.15
N GLY A 11 -5.82 1.76 2.80
CA GLY A 11 -6.06 2.00 4.21
C GLY A 11 -4.91 1.54 5.09
N GLU A 12 -3.85 1.04 4.44
CA GLU A 12 -2.68 0.56 5.17
C GLU A 12 -1.67 1.68 5.37
N HIS A 13 -0.60 1.38 6.11
CA HIS A 13 0.44 2.37 6.38
C HIS A 13 1.67 2.10 5.51
N CYS A 14 2.31 3.17 5.05
CA CYS A 14 3.49 3.05 4.22
C CYS A 14 4.20 4.40 4.08
N TYR A 15 5.51 4.36 3.99
CA TYR A 15 6.30 5.59 3.86
C TYR A 15 6.47 5.97 2.40
N VAL A 16 6.55 4.96 1.53
CA VAL A 16 6.71 5.19 0.10
C VAL A 16 5.76 4.31 -0.71
N ALA A 17 5.76 4.51 -2.02
CA ALA A 17 4.89 3.74 -2.91
C ALA A 17 5.35 2.27 -2.97
N ASP A 18 6.66 2.06 -3.06
CA ASP A 18 7.21 0.72 -3.12
C ASP A 18 6.74 -0.12 -1.94
N GLU A 19 6.57 0.52 -0.79
CA GLU A 19 6.12 -0.15 0.41
C GLU A 19 4.73 -0.77 0.21
N CYS A 20 3.92 -0.11 -0.61
CA CYS A 20 2.57 -0.58 -0.89
C CYS A 20 2.55 -1.51 -2.10
N CYS A 21 1.98 -2.70 -1.93
CA CYS A 21 1.89 -3.67 -3.01
C CYS A 21 1.12 -3.10 -4.19
N SER A 22 0.19 -2.20 -3.91
CA SER A 22 -0.62 -1.58 -4.96
C SER A 22 0.11 -0.41 -5.59
N LYS A 23 1.15 0.08 -4.90
CA LYS A 23 1.92 1.21 -5.40
C LYS A 23 1.07 2.48 -5.46
N ARG A 24 0.33 2.73 -4.40
CA ARG A 24 -0.53 3.91 -4.33
C ARG A 24 -0.31 4.68 -3.04
N CYS A 25 0.93 4.66 -2.54
CA CYS A 25 1.28 5.35 -1.31
C CYS A 25 1.69 6.79 -1.60
N LEU A 26 1.46 7.67 -0.63
CA LEU A 26 1.81 9.08 -0.77
C LEU A 26 2.54 9.59 0.46
N PHE A 27 3.41 10.58 0.26
CA PHE A 27 4.17 11.16 1.35
C PHE A 27 3.26 11.90 2.33
N TYR A 28 2.16 12.43 1.81
CA TYR A 28 1.21 13.16 2.64
C TYR A 28 0.19 12.21 3.27
N ALA A 29 -0.40 11.35 2.45
CA ALA A 29 -1.39 10.40 2.93
C ALA A 29 -0.73 9.34 3.80
N ALA A 30 0.44 8.88 3.39
CA ALA A 30 1.17 7.86 4.15
C ALA A 30 0.39 6.56 4.20
N LYS A 31 -0.69 6.48 3.43
CA LYS A 31 -1.52 5.29 3.39
C LYS A 31 -2.00 5.00 1.97
N CYS A 32 -2.01 3.72 1.60
CA CYS A 32 -2.44 3.31 0.27
C CYS A 32 -3.81 3.90 -0.07
N VAL A 33 -3.83 4.79 -1.05
CA VAL A 33 -5.08 5.43 -1.47
C VAL A 33 -5.42 5.08 -2.91
N SER A 34 -6.67 4.70 -3.14
CA SER A 34 -7.13 4.33 -4.48
C SER A 34 -6.82 5.43 -5.48
N SER A 1 -3.19 -18.68 -6.02
CA SER A 1 -4.05 -19.58 -5.26
C SER A 1 -3.60 -19.67 -3.80
N GLN A 2 -2.43 -20.25 -3.58
CA GLN A 2 -1.89 -20.39 -2.24
C GLN A 2 -0.54 -19.70 -2.12
N GLU A 3 -0.41 -18.54 -2.76
CA GLU A 3 0.83 -17.78 -2.72
C GLU A 3 0.59 -16.32 -3.09
N GLN A 4 -0.42 -15.72 -2.47
CA GLN A 4 -0.77 -14.33 -2.74
C GLN A 4 -0.79 -13.52 -1.45
N ARG A 5 0.38 -13.12 -0.96
CA ARG A 5 0.49 -12.34 0.26
C ARG A 5 0.59 -10.85 -0.05
N GLN A 6 -0.45 -10.11 0.32
CA GLN A 6 -0.48 -8.66 0.08
C GLN A 6 0.48 -7.94 1.02
N CYS A 7 1.05 -6.84 0.55
CA CYS A 7 1.97 -6.05 1.35
C CYS A 7 1.24 -4.95 2.12
N LYS A 8 0.46 -4.16 1.41
CA LYS A 8 -0.30 -3.07 2.03
C LYS A 8 -1.44 -2.61 1.13
N LYS A 9 -2.66 -3.02 1.46
CA LYS A 9 -3.83 -2.65 0.69
C LYS A 9 -4.31 -1.25 1.06
N ILE A 10 -5.47 -0.87 0.52
CA ILE A 10 -6.04 0.44 0.80
C ILE A 10 -6.34 0.61 2.28
N GLY A 11 -5.73 1.61 2.91
CA GLY A 11 -5.95 1.85 4.32
C GLY A 11 -4.78 1.42 5.17
N GLU A 12 -3.73 0.94 4.52
CA GLU A 12 -2.53 0.49 5.24
C GLU A 12 -1.54 1.63 5.41
N HIS A 13 -0.46 1.37 6.14
CA HIS A 13 0.57 2.38 6.38
C HIS A 13 1.79 2.13 5.49
N CYS A 14 2.40 3.21 5.00
CA CYS A 14 3.57 3.11 4.16
C CYS A 14 4.24 4.47 3.99
N TYR A 15 5.56 4.46 3.89
CA TYR A 15 6.33 5.69 3.72
C TYR A 15 6.46 6.07 2.26
N VAL A 16 6.55 5.05 1.40
CA VAL A 16 6.68 5.28 -0.03
C VAL A 16 5.73 4.37 -0.82
N ALA A 17 5.71 4.55 -2.14
CA ALA A 17 4.85 3.75 -3.00
C ALA A 17 5.32 2.30 -3.05
N ASP A 18 6.64 2.11 -3.17
CA ASP A 18 7.22 0.77 -3.23
C ASP A 18 6.78 -0.06 -2.03
N GLU A 19 6.62 0.60 -0.88
CA GLU A 19 6.20 -0.08 0.33
C GLU A 19 4.83 -0.73 0.17
N CYS A 20 3.98 -0.10 -0.65
CA CYS A 20 2.64 -0.60 -0.90
C CYS A 20 2.63 -1.53 -2.11
N CYS A 21 2.08 -2.73 -1.91
CA CYS A 21 2.00 -3.72 -2.97
C CYS A 21 1.20 -3.18 -4.16
N SER A 22 0.25 -2.29 -3.87
CA SER A 22 -0.59 -1.70 -4.91
C SER A 22 0.10 -0.52 -5.55
N LYS A 23 1.14 0.00 -4.89
CA LYS A 23 1.89 1.14 -5.40
C LYS A 23 1.01 2.38 -5.47
N ARG A 24 0.27 2.64 -4.39
CA ARG A 24 -0.60 3.80 -4.33
C ARG A 24 -0.37 4.59 -3.05
N CYS A 25 0.87 4.59 -2.58
CA CYS A 25 1.23 5.31 -1.36
C CYS A 25 1.60 6.75 -1.66
N LEU A 26 1.37 7.63 -0.70
CA LEU A 26 1.68 9.05 -0.86
C LEU A 26 2.43 9.58 0.35
N PHE A 27 3.27 10.59 0.13
CA PHE A 27 4.04 11.20 1.20
C PHE A 27 3.13 11.92 2.20
N TYR A 28 2.01 12.43 1.69
CA TYR A 28 1.05 13.15 2.53
C TYR A 28 0.08 12.19 3.19
N ALA A 29 -0.52 11.31 2.38
CA ALA A 29 -1.48 10.33 2.89
C ALA A 29 -0.79 9.29 3.76
N ALA A 30 0.39 8.86 3.34
CA ALA A 30 1.15 7.87 4.08
C ALA A 30 0.39 6.54 4.16
N LYS A 31 -0.69 6.44 3.39
CA LYS A 31 -1.50 5.23 3.39
C LYS A 31 -1.99 4.91 1.97
N CYS A 32 -1.98 3.63 1.63
CA CYS A 32 -2.43 3.20 0.31
C CYS A 32 -3.81 3.76 -0.01
N VAL A 33 -3.88 4.64 -1.00
CA VAL A 33 -5.14 5.25 -1.41
C VAL A 33 -5.49 4.88 -2.84
N SER A 34 -6.75 4.48 -3.05
CA SER A 34 -7.22 4.09 -4.37
C SER A 34 -6.94 5.19 -5.39
N SER A 1 0.33 -20.68 -5.65
CA SER A 1 0.84 -19.56 -4.88
C SER A 1 1.49 -18.52 -5.79
N GLN A 2 0.89 -17.33 -5.84
CA GLN A 2 1.41 -16.25 -6.67
C GLN A 2 1.42 -14.93 -5.91
N GLU A 3 0.24 -14.45 -5.55
CA GLU A 3 0.12 -13.19 -4.82
C GLU A 3 -0.53 -13.42 -3.45
N GLN A 4 -0.05 -14.42 -2.72
CA GLN A 4 -0.57 -14.74 -1.40
C GLN A 4 -0.16 -13.70 -0.38
N ARG A 5 -1.14 -13.10 0.29
CA ARG A 5 -0.88 -12.08 1.29
C ARG A 5 -0.21 -10.86 0.67
N GLN A 6 -0.99 -9.79 0.50
CA GLN A 6 -0.49 -8.56 -0.08
C GLN A 6 0.47 -7.85 0.88
N CYS A 7 1.04 -6.73 0.42
CA CYS A 7 1.96 -5.96 1.23
C CYS A 7 1.22 -4.88 2.02
N LYS A 8 0.46 -4.06 1.31
CA LYS A 8 -0.30 -2.99 1.94
C LYS A 8 -1.43 -2.52 1.02
N LYS A 9 -2.65 -2.92 1.34
CA LYS A 9 -3.82 -2.53 0.56
C LYS A 9 -4.30 -1.14 0.95
N ILE A 10 -5.44 -0.74 0.40
CA ILE A 10 -6.00 0.57 0.69
C ILE A 10 -6.33 0.72 2.17
N GLY A 11 -5.73 1.71 2.81
CA GLY A 11 -5.96 1.93 4.22
C GLY A 11 -4.80 1.49 5.08
N GLU A 12 -3.74 1.01 4.44
CA GLU A 12 -2.55 0.55 5.16
C GLU A 12 -1.56 1.68 5.36
N HIS A 13 -0.48 1.40 6.09
CA HIS A 13 0.54 2.40 6.36
C HIS A 13 1.77 2.16 5.49
N CYS A 14 2.39 3.24 5.02
CA CYS A 14 3.57 3.15 4.18
C CYS A 14 4.25 4.50 4.04
N TYR A 15 5.58 4.49 3.95
CA TYR A 15 6.34 5.72 3.81
C TYR A 15 6.49 6.11 2.36
N VAL A 16 6.59 5.11 1.49
CA VAL A 16 6.73 5.35 0.06
C VAL A 16 5.80 4.46 -0.75
N ALA A 17 5.79 4.65 -2.07
CA ALA A 17 4.93 3.87 -2.95
C ALA A 17 5.41 2.42 -3.02
N ASP A 18 6.71 2.23 -3.11
CA ASP A 18 7.29 0.89 -3.19
C ASP A 18 6.84 0.05 -2.00
N GLU A 19 6.66 0.69 -0.86
CA GLU A 19 6.24 -0.02 0.35
C GLU A 19 4.86 -0.65 0.16
N CYS A 20 4.03 0.00 -0.65
CA CYS A 20 2.68 -0.49 -0.93
C CYS A 20 2.68 -1.41 -2.14
N CYS A 21 2.12 -2.61 -1.97
CA CYS A 21 2.05 -3.58 -3.06
C CYS A 21 1.27 -3.02 -4.23
N SER A 22 0.32 -2.14 -3.94
CA SER A 22 -0.51 -1.54 -4.98
C SER A 22 0.20 -0.34 -5.61
N LYS A 23 1.22 0.16 -4.93
CA LYS A 23 1.99 1.30 -5.42
C LYS A 23 1.11 2.55 -5.48
N ARG A 24 0.37 2.80 -4.42
CA ARG A 24 -0.51 3.96 -4.34
C ARG A 24 -0.29 4.73 -3.04
N CYS A 25 0.95 4.72 -2.56
CA CYS A 25 1.30 5.42 -1.32
C CYS A 25 1.68 6.86 -1.61
N LEU A 26 1.44 7.74 -0.63
CA LEU A 26 1.77 9.15 -0.78
C LEU A 26 2.50 9.67 0.45
N PHE A 27 3.34 10.69 0.25
CA PHE A 27 4.11 11.27 1.34
C PHE A 27 3.19 11.99 2.33
N TYR A 28 2.08 12.50 1.82
CA TYR A 28 1.12 13.22 2.65
C TYR A 28 0.12 12.24 3.29
N ALA A 29 -0.47 11.39 2.47
CA ALA A 29 -1.43 10.41 2.95
C ALA A 29 -0.76 9.35 3.82
N ALA A 30 0.42 8.92 3.40
CA ALA A 30 1.17 7.92 4.13
C ALA A 30 0.41 6.60 4.20
N LYS A 31 -0.67 6.50 3.42
CA LYS A 31 -1.48 5.30 3.39
C LYS A 31 -1.96 5.00 1.96
N CYS A 32 -1.95 3.73 1.60
CA CYS A 32 -2.38 3.31 0.27
C CYS A 32 -3.76 3.89 -0.06
N VAL A 33 -3.81 4.78 -1.04
CA VAL A 33 -5.06 5.40 -1.45
C VAL A 33 -5.40 5.05 -2.90
N SER A 34 -6.66 4.65 -3.12
CA SER A 34 -7.11 4.28 -4.45
C SER A 34 -6.82 5.39 -5.46
N SER A 1 -9.96 -15.64 -2.18
CA SER A 1 -8.57 -15.72 -1.73
C SER A 1 -8.50 -16.24 -0.30
N GLN A 2 -7.27 -16.36 0.22
CA GLN A 2 -7.06 -16.85 1.57
C GLN A 2 -5.65 -16.52 2.05
N GLU A 3 -4.66 -17.13 1.39
CA GLU A 3 -3.26 -16.90 1.76
C GLU A 3 -2.72 -15.64 1.09
N GLN A 4 -1.63 -15.11 1.63
CA GLN A 4 -1.02 -13.90 1.07
C GLN A 4 -1.96 -12.72 1.15
N ARG A 5 -1.77 -11.87 2.16
CA ARG A 5 -2.62 -10.70 2.35
C ARG A 5 -1.97 -9.46 1.75
N GLN A 6 -1.33 -9.63 0.60
CA GLN A 6 -0.66 -8.53 -0.08
C GLN A 6 0.31 -7.83 0.86
N CYS A 7 0.87 -6.71 0.40
CA CYS A 7 1.83 -5.95 1.19
C CYS A 7 1.12 -4.87 2.00
N LYS A 8 0.33 -4.05 1.31
CA LYS A 8 -0.41 -2.97 1.97
C LYS A 8 -1.56 -2.49 1.10
N LYS A 9 -2.78 -2.89 1.45
CA LYS A 9 -3.96 -2.49 0.69
C LYS A 9 -4.43 -1.10 1.09
N ILE A 10 -5.59 -0.70 0.58
CA ILE A 10 -6.15 0.62 0.89
C ILE A 10 -6.42 0.75 2.38
N GLY A 11 -5.79 1.74 3.02
CA GLY A 11 -5.99 1.96 4.44
C GLY A 11 -4.80 1.51 5.26
N GLU A 12 -3.76 1.03 4.59
CA GLU A 12 -2.56 0.55 5.27
C GLU A 12 -1.56 1.69 5.44
N HIS A 13 -0.46 1.40 6.15
CA HIS A 13 0.58 2.39 6.39
C HIS A 13 1.78 2.16 5.48
N CYS A 14 2.38 3.23 5.01
CA CYS A 14 3.54 3.15 4.13
C CYS A 14 4.22 4.50 3.99
N TYR A 15 5.54 4.49 3.86
CA TYR A 15 6.31 5.72 3.71
C TYR A 15 6.43 6.12 2.24
N VAL A 16 6.49 5.12 1.37
CA VAL A 16 6.60 5.36 -0.07
C VAL A 16 5.63 4.48 -0.86
N ALA A 17 5.58 4.68 -2.17
CA ALA A 17 4.71 3.90 -3.03
C ALA A 17 5.17 2.45 -3.12
N ASP A 18 6.48 2.27 -3.25
CA ASP A 18 7.05 0.92 -3.35
C ASP A 18 6.63 0.07 -2.15
N GLU A 19 6.48 0.71 -1.00
CA GLU A 19 6.09 0.00 0.22
C GLU A 19 4.71 -0.62 0.06
N CYS A 20 3.85 0.03 -0.73
CA CYS A 20 2.50 -0.46 -0.96
C CYS A 20 2.45 -1.38 -2.18
N CYS A 21 1.90 -2.57 -2.00
CA CYS A 21 1.80 -3.54 -3.09
C CYS A 21 0.99 -2.98 -4.25
N SER A 22 0.05 -2.09 -3.92
CA SER A 22 -0.80 -1.48 -4.93
C SER A 22 -0.11 -0.28 -5.57
N LYS A 23 0.93 0.21 -4.92
CA LYS A 23 1.68 1.36 -5.43
C LYS A 23 0.81 2.61 -5.46
N ARG A 24 0.10 2.85 -4.37
CA ARG A 24 -0.77 4.02 -4.27
C ARG A 24 -0.50 4.79 -2.98
N CYS A 25 0.74 4.77 -2.52
CA CYS A 25 1.12 5.46 -1.30
C CYS A 25 1.50 6.91 -1.58
N LEU A 26 1.29 7.77 -0.60
CA LEU A 26 1.62 9.19 -0.75
C LEU A 26 2.39 9.70 0.46
N PHE A 27 3.23 10.71 0.24
CA PHE A 27 4.03 11.28 1.31
C PHE A 27 3.13 12.00 2.34
N TYR A 28 2.01 12.52 1.86
CA TYR A 28 1.08 13.23 2.73
C TYR A 28 0.10 12.26 3.38
N ALA A 29 -0.51 11.41 2.57
CA ALA A 29 -1.47 10.43 3.07
C ALA A 29 -0.78 9.37 3.91
N ALA A 30 0.40 8.93 3.46
CA ALA A 30 1.16 7.92 4.18
C ALA A 30 0.40 6.61 4.26
N LYS A 31 -0.70 6.52 3.52
CA LYS A 31 -1.53 5.32 3.49
C LYS A 31 -2.04 5.03 2.08
N CYS A 32 -2.06 3.75 1.71
CA CYS A 32 -2.52 3.35 0.39
C CYS A 32 -3.91 3.93 0.10
N VAL A 33 -3.98 4.82 -0.87
CA VAL A 33 -5.24 5.44 -1.24
C VAL A 33 -5.62 5.10 -2.68
N SER A 34 -6.88 4.72 -2.87
CA SER A 34 -7.37 4.35 -4.20
C SER A 34 -7.11 5.46 -5.20
N SER A 1 2.38 -20.48 -8.92
CA SER A 1 1.64 -19.44 -8.23
C SER A 1 1.86 -18.09 -8.87
N GLN A 2 0.76 -17.37 -9.12
CA GLN A 2 0.83 -16.05 -9.73
C GLN A 2 1.06 -14.97 -8.68
N GLU A 3 0.05 -14.75 -7.84
CA GLU A 3 0.13 -13.75 -6.80
C GLU A 3 -0.49 -14.24 -5.50
N GLN A 4 0.04 -13.79 -4.38
CA GLN A 4 -0.47 -14.19 -3.06
C GLN A 4 0.15 -13.35 -1.95
N ARG A 5 -0.60 -13.15 -0.88
CA ARG A 5 -0.13 -12.36 0.25
C ARG A 5 0.13 -10.92 -0.17
N GLN A 6 -0.77 -10.02 0.23
CA GLN A 6 -0.63 -8.61 -0.11
C GLN A 6 0.33 -7.91 0.85
N CYS A 7 0.91 -6.81 0.39
CA CYS A 7 1.85 -6.05 1.21
C CYS A 7 1.12 -4.96 2.00
N LYS A 8 0.36 -4.13 1.30
CA LYS A 8 -0.38 -3.05 1.93
C LYS A 8 -1.51 -2.56 1.02
N LYS A 9 -2.74 -2.94 1.35
CA LYS A 9 -3.89 -2.55 0.56
C LYS A 9 -4.36 -1.15 0.96
N ILE A 10 -5.51 -0.73 0.41
CA ILE A 10 -6.06 0.58 0.71
C ILE A 10 -6.37 0.72 2.19
N GLY A 11 -5.75 1.71 2.84
CA GLY A 11 -5.98 1.94 4.25
C GLY A 11 -4.82 1.48 5.10
N GLU A 12 -3.76 0.99 4.46
CA GLU A 12 -2.59 0.50 5.17
C GLU A 12 -1.58 1.63 5.37
N HIS A 13 -0.50 1.33 6.08
CA HIS A 13 0.54 2.32 6.36
C HIS A 13 1.77 2.07 5.48
N CYS A 14 2.38 3.14 5.01
CA CYS A 14 3.57 3.04 4.17
C CYS A 14 4.26 4.39 4.03
N TYR A 15 5.58 4.36 3.93
CA TYR A 15 6.37 5.58 3.81
C TYR A 15 6.53 5.98 2.34
N VAL A 16 6.59 4.98 1.47
CA VAL A 16 6.74 5.22 0.04
C VAL A 16 5.79 4.34 -0.77
N ALA A 17 5.77 4.54 -2.09
CA ALA A 17 4.91 3.76 -2.96
C ALA A 17 5.36 2.31 -3.04
N ASP A 18 6.67 2.11 -3.14
CA ASP A 18 7.23 0.77 -3.22
C ASP A 18 6.77 -0.09 -2.04
N GLU A 19 6.60 0.55 -0.89
CA GLU A 19 6.17 -0.14 0.32
C GLU A 19 4.79 -0.76 0.13
N CYS A 20 3.96 -0.09 -0.68
CA CYS A 20 2.61 -0.57 -0.94
C CYS A 20 2.59 -1.49 -2.16
N CYS A 21 2.03 -2.68 -1.99
CA CYS A 21 1.94 -3.65 -3.08
C CYS A 21 1.16 -3.09 -4.25
N SER A 22 0.22 -2.19 -3.95
CA SER A 22 -0.60 -1.57 -4.98
C SER A 22 0.11 -0.38 -5.62
N LYS A 23 1.15 0.10 -4.94
CA LYS A 23 1.92 1.24 -5.43
C LYS A 23 1.07 2.50 -5.48
N ARG A 24 0.32 2.75 -4.41
CA ARG A 24 -0.54 3.93 -4.33
C ARG A 24 -0.30 4.69 -3.03
N CYS A 25 0.94 4.67 -2.56
CA CYS A 25 1.30 5.35 -1.32
C CYS A 25 1.69 6.80 -1.60
N LEU A 26 1.47 7.68 -0.62
CA LEU A 26 1.81 9.08 -0.77
C LEU A 26 2.55 9.59 0.46
N PHE A 27 3.40 10.59 0.26
CA PHE A 27 4.18 11.17 1.35
C PHE A 27 3.28 11.89 2.34
N TYR A 28 2.17 12.41 1.84
CA TYR A 28 1.22 13.14 2.68
C TYR A 28 0.22 12.18 3.32
N ALA A 29 -0.39 11.34 2.50
CA ALA A 29 -1.36 10.36 2.97
C ALA A 29 -0.70 9.30 3.83
N ALA A 30 0.48 8.85 3.41
CA ALA A 30 1.22 7.84 4.15
C ALA A 30 0.45 6.52 4.21
N LYS A 31 -0.63 6.45 3.44
CA LYS A 31 -1.47 5.26 3.40
C LYS A 31 -1.95 4.97 1.98
N CYS A 32 -1.96 3.68 1.61
CA CYS A 32 -2.40 3.29 0.29
C CYS A 32 -3.77 3.87 -0.04
N VAL A 33 -3.82 4.77 -1.02
CA VAL A 33 -5.07 5.40 -1.42
C VAL A 33 -5.42 5.05 -2.86
N SER A 34 -6.67 4.68 -3.09
CA SER A 34 -7.13 4.31 -4.42
C SER A 34 -6.84 5.43 -5.41
N SER A 1 -1.62 -24.21 -1.45
CA SER A 1 -2.44 -23.36 -0.60
C SER A 1 -2.03 -21.89 -0.74
N GLN A 2 -2.96 -20.99 -0.49
CA GLN A 2 -2.70 -19.56 -0.58
C GLN A 2 -2.99 -18.87 0.75
N GLU A 3 -2.05 -18.03 1.19
CA GLU A 3 -2.21 -17.30 2.44
C GLU A 3 -1.39 -16.02 2.43
N GLN A 4 -1.57 -15.21 1.40
CA GLN A 4 -0.85 -13.95 1.27
C GLN A 4 -1.80 -12.76 1.32
N ARG A 5 -1.63 -11.91 2.33
CA ARG A 5 -2.48 -10.73 2.48
C ARG A 5 -1.81 -9.50 1.89
N GLN A 6 -1.13 -9.69 0.75
CA GLN A 6 -0.46 -8.59 0.08
C GLN A 6 0.48 -7.87 1.03
N CYS A 7 1.05 -6.76 0.56
CA CYS A 7 1.98 -5.97 1.37
C CYS A 7 1.22 -4.88 2.13
N LYS A 8 0.46 -4.08 1.40
CA LYS A 8 -0.31 -3.00 2.00
C LYS A 8 -1.43 -2.54 1.08
N LYS A 9 -2.66 -2.95 1.40
CA LYS A 9 -3.82 -2.58 0.61
C LYS A 9 -4.31 -1.18 0.97
N ILE A 10 -5.44 -0.79 0.40
CA ILE A 10 -6.02 0.52 0.67
C ILE A 10 -6.36 0.69 2.15
N GLY A 11 -5.75 1.70 2.78
CA GLY A 11 -6.00 1.95 4.19
C GLY A 11 -4.84 1.51 5.06
N GLU A 12 -3.77 1.03 4.44
CA GLU A 12 -2.60 0.58 5.16
C GLU A 12 -1.60 1.73 5.35
N HIS A 13 -0.53 1.46 6.10
CA HIS A 13 0.50 2.47 6.35
C HIS A 13 1.73 2.22 5.48
N CYS A 14 2.35 3.30 5.00
CA CYS A 14 3.53 3.19 4.17
C CYS A 14 4.20 4.56 4.02
N TYR A 15 5.53 4.54 3.93
CA TYR A 15 6.30 5.77 3.78
C TYR A 15 6.45 6.14 2.31
N VAL A 16 6.55 5.13 1.46
CA VAL A 16 6.70 5.35 0.03
C VAL A 16 5.76 4.45 -0.77
N ALA A 17 5.76 4.61 -2.08
CA ALA A 17 4.92 3.81 -2.96
C ALA A 17 5.40 2.37 -3.00
N ASP A 18 6.71 2.18 -3.09
CA ASP A 18 7.29 0.84 -3.14
C ASP A 18 6.84 0.01 -1.94
N GLU A 19 6.65 0.67 -0.80
CA GLU A 19 6.22 -0.02 0.40
C GLU A 19 4.85 -0.65 0.22
N CYS A 20 4.01 -0.02 -0.61
CA CYS A 20 2.68 -0.52 -0.88
C CYS A 20 2.68 -1.47 -2.08
N CYS A 21 2.13 -2.67 -1.90
CA CYS A 21 2.07 -3.65 -2.96
C CYS A 21 1.29 -3.12 -4.16
N SER A 22 0.34 -2.23 -3.88
CA SER A 22 -0.48 -1.65 -4.94
C SER A 22 0.22 -0.45 -5.58
N LYS A 23 1.24 0.05 -4.90
CA LYS A 23 2.00 1.19 -5.41
C LYS A 23 1.12 2.44 -5.50
N ARG A 24 0.37 2.70 -4.43
CA ARG A 24 -0.51 3.86 -4.39
C ARG A 24 -0.30 4.65 -3.09
N CYS A 25 0.93 4.65 -2.60
CA CYS A 25 1.27 5.37 -1.38
C CYS A 25 1.65 6.82 -1.69
N LEU A 26 1.40 7.70 -0.73
CA LEU A 26 1.72 9.12 -0.89
C LEU A 26 2.46 9.66 0.33
N PHE A 27 3.29 10.67 0.11
CA PHE A 27 4.05 11.28 1.20
C PHE A 27 3.12 12.00 2.17
N TYR A 28 2.01 12.51 1.65
CA TYR A 28 1.04 13.23 2.47
C TYR A 28 0.06 12.26 3.12
N ALA A 29 -0.53 11.40 2.31
CA ALA A 29 -1.50 10.41 2.79
C ALA A 29 -0.82 9.38 3.68
N ALA A 30 0.37 8.94 3.28
CA ALA A 30 1.12 7.95 4.04
C ALA A 30 0.35 6.63 4.12
N LYS A 31 -0.71 6.52 3.33
CA LYS A 31 -1.53 5.31 3.31
C LYS A 31 -2.00 5.00 1.90
N CYS A 32 -1.98 3.72 1.56
CA CYS A 32 -2.41 3.28 0.23
C CYS A 32 -3.79 3.83 -0.11
N VAL A 33 -3.84 4.71 -1.11
CA VAL A 33 -5.09 5.32 -1.54
C VAL A 33 -5.43 4.94 -2.97
N SER A 34 -6.67 4.54 -3.20
CA SER A 34 -7.12 4.14 -4.53
C SER A 34 -6.82 5.25 -5.54
N SER A 1 -4.49 -24.70 -3.67
CA SER A 1 -4.85 -24.44 -5.07
C SER A 1 -4.19 -23.15 -5.56
N GLN A 2 -4.41 -22.06 -4.83
CA GLN A 2 -3.85 -20.78 -5.19
C GLN A 2 -3.49 -19.96 -3.96
N GLU A 3 -2.83 -18.83 -4.16
CA GLU A 3 -2.43 -17.97 -3.05
C GLU A 3 -2.44 -16.50 -3.48
N GLN A 4 -2.65 -15.61 -2.52
CA GLN A 4 -2.68 -14.17 -2.79
C GLN A 4 -2.07 -13.38 -1.64
N ARG A 5 -0.80 -13.04 -1.77
CA ARG A 5 -0.11 -12.29 -0.74
C ARG A 5 -0.27 -10.78 -0.95
N GLN A 6 -0.50 -10.06 0.14
CA GLN A 6 -0.67 -8.61 0.06
C GLN A 6 0.30 -7.89 0.99
N CYS A 7 0.86 -6.79 0.52
CA CYS A 7 1.81 -6.01 1.29
C CYS A 7 1.09 -4.92 2.09
N LYS A 8 0.31 -4.11 1.41
CA LYS A 8 -0.44 -3.03 2.04
C LYS A 8 -1.59 -2.57 1.17
N LYS A 9 -2.81 -2.97 1.53
CA LYS A 9 -3.99 -2.58 0.77
C LYS A 9 -4.47 -1.18 1.16
N ILE A 10 -5.62 -0.79 0.65
CA ILE A 10 -6.18 0.52 0.95
C ILE A 10 -6.46 0.67 2.44
N GLY A 11 -5.84 1.67 3.06
CA GLY A 11 -6.04 1.92 4.47
C GLY A 11 -4.85 1.47 5.30
N GLU A 12 -3.80 0.99 4.63
CA GLU A 12 -2.60 0.53 5.32
C GLU A 12 -1.60 1.67 5.48
N HIS A 13 -0.50 1.39 6.18
CA HIS A 13 0.53 2.40 6.41
C HIS A 13 1.74 2.14 5.50
N CYS A 14 2.33 3.22 5.02
CA CYS A 14 3.49 3.12 4.13
C CYS A 14 4.17 4.48 3.97
N TYR A 15 5.49 4.47 3.84
CA TYR A 15 6.26 5.71 3.68
C TYR A 15 6.36 6.09 2.21
N VAL A 16 6.42 5.08 1.34
CA VAL A 16 6.52 5.31 -0.09
C VAL A 16 5.57 4.41 -0.87
N ALA A 17 5.51 4.59 -2.18
CA ALA A 17 4.65 3.81 -3.03
C ALA A 17 5.11 2.35 -3.09
N ASP A 18 6.42 2.17 -3.24
CA ASP A 18 7.00 0.83 -3.31
C ASP A 18 6.58 -0.01 -2.12
N GLU A 19 6.43 0.63 -0.97
CA GLU A 19 6.04 -0.06 0.25
C GLU A 19 4.66 -0.68 0.10
N CYS A 20 3.81 -0.05 -0.69
CA CYS A 20 2.45 -0.54 -0.91
C CYS A 20 2.42 -1.47 -2.13
N CYS A 21 1.87 -2.66 -1.93
CA CYS A 21 1.76 -3.64 -3.01
C CYS A 21 0.94 -3.09 -4.17
N SER A 22 0.01 -2.20 -3.86
CA SER A 22 -0.85 -1.60 -4.88
C SER A 22 -0.16 -0.41 -5.53
N LYS A 23 0.88 0.09 -4.88
CA LYS A 23 1.63 1.23 -5.40
C LYS A 23 0.76 2.48 -5.44
N ARG A 24 0.04 2.72 -4.35
CA ARG A 24 -0.84 3.89 -4.27
C ARG A 24 -0.58 4.67 -2.97
N CYS A 25 0.67 4.66 -2.53
CA CYS A 25 1.06 5.36 -1.31
C CYS A 25 1.43 6.82 -1.62
N LEU A 26 1.21 7.69 -0.64
CA LEU A 26 1.54 9.11 -0.80
C LEU A 26 2.31 9.63 0.40
N PHE A 27 3.14 10.63 0.17
CA PHE A 27 3.94 11.24 1.24
C PHE A 27 3.05 11.96 2.25
N TYR A 28 1.92 12.47 1.77
CA TYR A 28 0.99 13.18 2.63
C TYR A 28 0.01 12.22 3.29
N ALA A 29 -0.60 11.35 2.49
CA ALA A 29 -1.55 10.38 3.01
C ALA A 29 -0.86 9.33 3.86
N ALA A 30 0.32 8.89 3.41
CA ALA A 30 1.09 7.89 4.13
C ALA A 30 0.33 6.57 4.23
N LYS A 31 -0.77 6.48 3.49
CA LYS A 31 -1.59 5.27 3.48
C LYS A 31 -2.10 4.97 2.08
N CYS A 32 -2.11 3.69 1.72
CA CYS A 32 -2.58 3.26 0.41
C CYS A 32 -3.96 3.84 0.12
N VAL A 33 -4.04 4.72 -0.87
CA VAL A 33 -5.31 5.34 -1.25
C VAL A 33 -5.69 4.97 -2.67
N SER A 34 -6.94 4.57 -2.86
CA SER A 34 -7.45 4.19 -4.18
C SER A 34 -7.18 5.30 -5.20
N SER A 1 -4.55 -20.19 2.83
CA SER A 1 -5.23 -21.26 2.15
C SER A 1 -5.93 -20.76 0.89
N GLN A 2 -5.29 -20.98 -0.27
CA GLN A 2 -5.85 -20.54 -1.54
C GLN A 2 -6.06 -19.03 -1.55
N GLU A 3 -5.11 -18.31 -0.96
CA GLU A 3 -5.19 -16.85 -0.91
C GLU A 3 -3.86 -16.22 -1.30
N GLN A 4 -3.80 -14.89 -1.26
CA GLN A 4 -2.59 -14.17 -1.61
C GLN A 4 -2.44 -12.90 -0.77
N ARG A 5 -1.73 -13.01 0.34
CA ARG A 5 -1.52 -11.86 1.22
C ARG A 5 -0.70 -10.78 0.52
N GLN A 6 -1.34 -9.65 0.26
CA GLN A 6 -0.67 -8.53 -0.40
C GLN A 6 0.29 -7.83 0.55
N CYS A 7 0.85 -6.71 0.11
CA CYS A 7 1.80 -5.95 0.91
C CYS A 7 1.08 -4.89 1.73
N LYS A 8 0.29 -4.06 1.05
CA LYS A 8 -0.45 -3.00 1.72
C LYS A 8 -1.60 -2.51 0.84
N LYS A 9 -2.82 -2.92 1.18
CA LYS A 9 -4.01 -2.52 0.43
C LYS A 9 -4.47 -1.13 0.84
N ILE A 10 -5.64 -0.73 0.37
CA ILE A 10 -6.20 0.57 0.69
C ILE A 10 -6.48 0.70 2.17
N GLY A 11 -5.87 1.69 2.81
CA GLY A 11 -6.08 1.90 4.23
C GLY A 11 -4.89 1.44 5.06
N GLU A 12 -3.85 0.97 4.38
CA GLU A 12 -2.64 0.50 5.07
C GLU A 12 -1.64 1.63 5.26
N HIS A 13 -0.55 1.34 5.94
CA HIS A 13 0.49 2.34 6.20
C HIS A 13 1.71 2.11 5.30
N CYS A 14 2.29 3.20 4.84
CA CYS A 14 3.46 3.12 3.96
C CYS A 14 4.13 4.49 3.83
N TYR A 15 5.45 4.47 3.71
CA TYR A 15 6.22 5.71 3.58
C TYR A 15 6.33 6.13 2.12
N VAL A 16 6.40 5.14 1.23
CA VAL A 16 6.51 5.40 -0.20
C VAL A 16 5.56 4.52 -0.99
N ALA A 17 5.52 4.73 -2.30
CA ALA A 17 4.65 3.95 -3.18
C ALA A 17 5.11 2.51 -3.27
N ASP A 18 6.43 2.33 -3.41
CA ASP A 18 7.01 0.99 -3.51
C ASP A 18 6.58 0.12 -2.33
N GLU A 19 6.42 0.75 -1.17
CA GLU A 19 6.02 0.03 0.03
C GLU A 19 4.64 -0.60 -0.14
N CYS A 20 3.79 0.06 -0.92
CA CYS A 20 2.44 -0.43 -1.17
C CYS A 20 2.42 -1.33 -2.41
N CYS A 21 1.87 -2.53 -2.25
CA CYS A 21 1.78 -3.48 -3.34
C CYS A 21 0.96 -2.92 -4.50
N SER A 22 0.02 -2.03 -4.17
CA SER A 22 -0.82 -1.41 -5.18
C SER A 22 -0.14 -0.20 -5.80
N LYS A 23 0.90 0.28 -5.14
CA LYS A 23 1.65 1.44 -5.62
C LYS A 23 0.78 2.68 -5.64
N ARG A 24 0.04 2.90 -4.55
CA ARG A 24 -0.83 4.07 -4.44
C ARG A 24 -0.58 4.81 -3.13
N CYS A 25 0.67 4.80 -2.68
CA CYS A 25 1.04 5.48 -1.44
C CYS A 25 1.42 6.93 -1.72
N LEU A 26 1.20 7.78 -0.72
CA LEU A 26 1.52 9.20 -0.85
C LEU A 26 2.29 9.70 0.36
N PHE A 27 3.12 10.71 0.17
CA PHE A 27 3.92 11.28 1.25
C PHE A 27 3.02 11.98 2.26
N TYR A 28 1.90 12.50 1.80
CA TYR A 28 0.96 13.20 2.66
C TYR A 28 -0.02 12.22 3.31
N ALA A 29 -0.64 11.38 2.48
CA ALA A 29 -1.59 10.39 2.96
C ALA A 29 -0.89 9.32 3.80
N ALA A 30 0.29 8.90 3.35
CA ALA A 30 1.04 7.88 4.06
C ALA A 30 0.28 6.56 4.12
N LYS A 31 -0.81 6.48 3.36
CA LYS A 31 -1.63 5.27 3.33
C LYS A 31 -2.13 5.00 1.92
N CYS A 32 -2.14 3.73 1.53
CA CYS A 32 -2.60 3.33 0.21
C CYS A 32 -3.99 3.90 -0.08
N VAL A 33 -4.05 4.82 -1.04
CA VAL A 33 -5.32 5.44 -1.41
C VAL A 33 -5.69 5.10 -2.85
N SER A 34 -6.95 4.71 -3.05
CA SER A 34 -7.44 4.36 -4.38
C SER A 34 -7.17 5.48 -5.38
N SER A 1 -9.80 -12.87 1.20
CA SER A 1 -9.15 -14.10 1.65
C SER A 1 -8.61 -14.90 0.46
N GLN A 2 -7.81 -14.25 -0.37
CA GLN A 2 -7.23 -14.90 -1.54
C GLN A 2 -5.79 -15.32 -1.27
N GLU A 3 -5.27 -16.22 -2.11
CA GLU A 3 -3.92 -16.71 -1.96
C GLU A 3 -2.90 -15.59 -2.15
N GLN A 4 -1.68 -15.80 -1.67
CA GLN A 4 -0.63 -14.81 -1.78
C GLN A 4 -1.04 -13.50 -1.11
N ARG A 5 -0.61 -13.32 0.13
CA ARG A 5 -0.93 -12.11 0.89
C ARG A 5 -0.28 -10.89 0.25
N GLN A 6 -0.99 -9.76 0.28
CA GLN A 6 -0.49 -8.52 -0.30
C GLN A 6 0.48 -7.84 0.66
N CYS A 7 1.05 -6.72 0.23
CA CYS A 7 1.98 -5.96 1.05
C CYS A 7 1.25 -4.88 1.86
N LYS A 8 0.47 -4.06 1.17
CA LYS A 8 -0.28 -2.99 1.82
C LYS A 8 -1.42 -2.51 0.93
N LYS A 9 -2.64 -2.93 1.26
CA LYS A 9 -3.82 -2.54 0.49
C LYS A 9 -4.30 -1.15 0.91
N ILE A 10 -5.45 -0.75 0.38
CA ILE A 10 -6.02 0.55 0.70
C ILE A 10 -6.33 0.67 2.19
N GLY A 11 -5.71 1.66 2.83
CA GLY A 11 -5.93 1.88 4.25
C GLY A 11 -4.75 1.42 5.10
N GLU A 12 -3.70 0.96 4.43
CA GLU A 12 -2.51 0.49 5.13
C GLU A 12 -1.51 1.64 5.32
N HIS A 13 -0.42 1.35 6.04
CA HIS A 13 0.60 2.34 6.31
C HIS A 13 1.82 2.13 5.42
N CYS A 14 2.42 3.22 4.96
CA CYS A 14 3.59 3.14 4.10
C CYS A 14 4.27 4.51 3.97
N TYR A 15 5.58 4.50 3.86
CA TYR A 15 6.34 5.73 3.73
C TYR A 15 6.47 6.15 2.27
N VAL A 16 6.56 5.16 1.38
CA VAL A 16 6.69 5.42 -0.05
C VAL A 16 5.74 4.53 -0.85
N ALA A 17 5.71 4.75 -2.16
CA ALA A 17 4.85 3.97 -3.04
C ALA A 17 5.33 2.52 -3.14
N ASP A 18 6.63 2.34 -3.26
CA ASP A 18 7.22 1.01 -3.36
C ASP A 18 6.80 0.13 -2.18
N GLU A 19 6.63 0.76 -1.01
CA GLU A 19 6.22 0.04 0.19
C GLU A 19 4.85 -0.59 0.00
N CYS A 20 4.00 0.06 -0.79
CA CYS A 20 2.66 -0.44 -1.04
C CYS A 20 2.63 -1.34 -2.27
N CYS A 21 2.09 -2.54 -2.12
CA CYS A 21 2.01 -3.50 -3.21
C CYS A 21 1.20 -2.93 -4.38
N SER A 22 0.25 -2.06 -4.05
CA SER A 22 -0.59 -1.45 -5.07
C SER A 22 0.10 -0.23 -5.69
N LYS A 23 1.13 0.26 -5.02
CA LYS A 23 1.88 1.41 -5.51
C LYS A 23 1.00 2.65 -5.54
N ARG A 24 0.27 2.89 -4.45
CA ARG A 24 -0.61 4.04 -4.35
C ARG A 24 -0.38 4.81 -3.05
N CYS A 25 0.87 4.79 -2.58
CA CYS A 25 1.23 5.48 -1.35
C CYS A 25 1.60 6.93 -1.62
N LEU A 26 1.37 7.79 -0.63
CA LEU A 26 1.69 9.20 -0.75
C LEU A 26 2.44 9.71 0.47
N PHE A 27 3.27 10.73 0.27
CA PHE A 27 4.05 11.31 1.35
C PHE A 27 3.14 12.00 2.37
N TYR A 28 2.02 12.52 1.88
CA TYR A 28 1.06 13.21 2.74
C TYR A 28 0.08 12.24 3.38
N ALA A 29 -0.52 11.39 2.55
CA ALA A 29 -1.47 10.39 3.02
C ALA A 29 -0.78 9.34 3.87
N ALA A 30 0.40 8.91 3.43
CA ALA A 30 1.17 7.90 4.15
C ALA A 30 0.41 6.57 4.21
N LYS A 31 -0.67 6.48 3.45
CA LYS A 31 -1.49 5.28 3.40
C LYS A 31 -1.98 4.99 1.98
N CYS A 32 -1.97 3.72 1.60
CA CYS A 32 -2.42 3.32 0.27
C CYS A 32 -3.80 3.89 -0.03
N VAL A 33 -3.88 4.80 -1.00
CA VAL A 33 -5.13 5.41 -1.38
C VAL A 33 -5.49 5.07 -2.83
N SER A 34 -6.74 4.69 -3.04
CA SER A 34 -7.21 4.32 -4.37
C SER A 34 -6.95 5.45 -5.36
N SER A 1 -7.29 -19.26 8.14
CA SER A 1 -7.27 -19.27 6.69
C SER A 1 -7.04 -17.87 6.14
N GLN A 2 -6.29 -17.77 5.05
CA GLN A 2 -5.99 -16.48 4.44
C GLN A 2 -5.48 -16.66 3.01
N GLU A 3 -6.21 -16.10 2.05
CA GLU A 3 -5.83 -16.20 0.64
C GLU A 3 -5.37 -14.85 0.11
N GLN A 4 -4.46 -14.89 -0.86
CA GLN A 4 -3.93 -13.67 -1.47
C GLN A 4 -3.26 -12.79 -0.41
N ARG A 5 -1.95 -12.95 -0.28
CA ARG A 5 -1.19 -12.17 0.69
C ARG A 5 -0.54 -10.96 0.03
N GLN A 6 -1.10 -9.78 0.27
CA GLN A 6 -0.57 -8.55 -0.30
C GLN A 6 0.37 -7.86 0.67
N CYS A 7 0.96 -6.75 0.24
CA CYS A 7 1.89 -5.99 1.07
C CYS A 7 1.15 -4.91 1.85
N LYS A 8 0.39 -4.08 1.15
CA LYS A 8 -0.36 -3.01 1.78
C LYS A 8 -1.49 -2.52 0.87
N LYS A 9 -2.72 -2.93 1.19
CA LYS A 9 -3.88 -2.53 0.42
C LYS A 9 -4.35 -1.14 0.81
N ILE A 10 -5.51 -0.73 0.29
CA ILE A 10 -6.07 0.58 0.60
C ILE A 10 -6.39 0.71 2.07
N GLY A 11 -5.78 1.70 2.71
CA GLY A 11 -6.01 1.93 4.13
C GLY A 11 -4.85 1.47 4.99
N GLU A 12 -3.79 1.00 4.34
CA GLU A 12 -2.61 0.52 5.05
C GLU A 12 -1.61 1.67 5.26
N HIS A 13 -0.52 1.38 5.97
CA HIS A 13 0.51 2.38 6.24
C HIS A 13 1.74 2.13 5.37
N CYS A 14 2.35 3.22 4.91
CA CYS A 14 3.53 3.13 4.06
C CYS A 14 4.21 4.49 3.93
N TYR A 15 5.53 4.48 3.83
CA TYR A 15 6.31 5.71 3.70
C TYR A 15 6.45 6.10 2.23
N VAL A 16 6.53 5.11 1.36
CA VAL A 16 6.67 5.36 -0.07
C VAL A 16 5.72 4.47 -0.87
N ALA A 17 5.71 4.67 -2.19
CA ALA A 17 4.86 3.88 -3.07
C ALA A 17 5.33 2.44 -3.15
N ASP A 18 6.64 2.25 -3.25
CA ASP A 18 7.22 0.91 -3.33
C ASP A 18 6.77 0.05 -2.15
N GLU A 19 6.59 0.69 -1.00
CA GLU A 19 6.17 -0.01 0.21
C GLU A 19 4.80 -0.64 0.01
N CYS A 20 3.96 0.01 -0.79
CA CYS A 20 2.61 -0.49 -1.06
C CYS A 20 2.61 -1.40 -2.29
N CYS A 21 2.06 -2.60 -2.12
CA CYS A 21 1.99 -3.56 -3.21
C CYS A 21 1.19 -2.99 -4.38
N SER A 22 0.24 -2.11 -4.08
CA SER A 22 -0.59 -1.50 -5.11
C SER A 22 0.12 -0.30 -5.74
N LYS A 23 1.15 0.19 -5.06
CA LYS A 23 1.91 1.34 -5.55
C LYS A 23 1.03 2.59 -5.59
N ARG A 24 0.29 2.83 -4.53
CA ARG A 24 -0.58 3.99 -4.44
C ARG A 24 -0.36 4.75 -3.14
N CYS A 25 0.88 4.74 -2.66
CA CYS A 25 1.24 5.43 -1.43
C CYS A 25 1.61 6.88 -1.70
N LEU A 26 1.38 7.75 -0.72
CA LEU A 26 1.70 9.16 -0.86
C LEU A 26 2.44 9.68 0.37
N PHE A 27 3.29 10.69 0.17
CA PHE A 27 4.06 11.27 1.26
C PHE A 27 3.15 11.97 2.25
N TYR A 28 2.03 12.50 1.76
CA TYR A 28 1.07 13.21 2.60
C TYR A 28 0.08 12.24 3.23
N ALA A 29 -0.52 11.38 2.41
CA ALA A 29 -1.48 10.40 2.88
C ALA A 29 -0.81 9.34 3.74
N ALA A 30 0.38 8.90 3.32
CA ALA A 30 1.13 7.89 4.05
C ALA A 30 0.36 6.58 4.10
N LYS A 31 -0.71 6.49 3.33
CA LYS A 31 -1.54 5.29 3.30
C LYS A 31 -2.01 5.00 1.87
N CYS A 32 -2.01 3.73 1.50
CA CYS A 32 -2.45 3.32 0.17
C CYS A 32 -3.83 3.88 -0.15
N VAL A 33 -3.88 4.79 -1.13
CA VAL A 33 -5.14 5.41 -1.53
C VAL A 33 -5.48 5.07 -2.98
N SER A 34 -6.72 4.67 -3.20
CA SER A 34 -7.18 4.31 -4.55
C SER A 34 -6.89 5.43 -5.54
N SER A 1 -10.10 -21.58 -3.85
CA SER A 1 -8.79 -20.95 -3.94
C SER A 1 -8.86 -19.48 -3.50
N GLN A 2 -8.18 -19.17 -2.41
CA GLN A 2 -8.17 -17.82 -1.88
C GLN A 2 -6.75 -17.36 -1.57
N GLU A 3 -6.47 -16.08 -1.81
CA GLU A 3 -5.15 -15.52 -1.56
C GLU A 3 -5.24 -14.33 -0.61
N GLN A 4 -4.11 -13.98 0.00
CA GLN A 4 -4.05 -12.86 0.93
C GLN A 4 -2.61 -12.54 1.31
N ARG A 5 -1.72 -12.59 0.33
CA ARG A 5 -0.31 -12.30 0.55
C ARG A 5 0.04 -10.89 0.09
N GLN A 6 -0.86 -9.95 0.35
CA GLN A 6 -0.66 -8.56 -0.03
C GLN A 6 0.29 -7.87 0.93
N CYS A 7 0.88 -6.76 0.48
CA CYS A 7 1.82 -6.00 1.31
C CYS A 7 1.09 -4.91 2.09
N LYS A 8 0.34 -4.08 1.37
CA LYS A 8 -0.41 -3.00 1.99
C LYS A 8 -1.53 -2.51 1.08
N LYS A 9 -2.76 -2.91 1.41
CA LYS A 9 -3.92 -2.52 0.61
C LYS A 9 -4.40 -1.12 1.00
N ILE A 10 -5.52 -0.71 0.44
CA ILE A 10 -6.09 0.60 0.73
C ILE A 10 -6.41 0.76 2.21
N GLY A 11 -5.79 1.75 2.85
CA GLY A 11 -6.03 1.98 4.26
C GLY A 11 -4.86 1.53 5.12
N GLU A 12 -3.81 1.04 4.48
CA GLU A 12 -2.64 0.58 5.20
C GLU A 12 -1.63 1.70 5.40
N HIS A 13 -0.55 1.41 6.14
CA HIS A 13 0.49 2.41 6.40
C HIS A 13 1.72 2.15 5.53
N CYS A 14 2.33 3.23 5.06
CA CYS A 14 3.51 3.12 4.21
C CYS A 14 4.20 4.47 4.07
N TYR A 15 5.53 4.45 3.98
CA TYR A 15 6.31 5.68 3.85
C TYR A 15 6.47 6.06 2.38
N VAL A 16 6.54 5.06 1.51
CA VAL A 16 6.70 5.29 0.08
C VAL A 16 5.75 4.40 -0.72
N ALA A 17 5.74 4.59 -2.04
CA ALA A 17 4.88 3.81 -2.92
C ALA A 17 5.34 2.35 -2.98
N ASP A 18 6.65 2.15 -3.08
CA ASP A 18 7.22 0.82 -3.15
C ASP A 18 6.75 -0.03 -1.96
N GLU A 19 6.59 0.62 -0.81
CA GLU A 19 6.15 -0.08 0.40
C GLU A 19 4.77 -0.69 0.20
N CYS A 20 3.95 -0.04 -0.61
CA CYS A 20 2.60 -0.53 -0.88
C CYS A 20 2.58 -1.45 -2.09
N CYS A 21 2.02 -2.64 -1.91
CA CYS A 21 1.95 -3.62 -2.99
C CYS A 21 1.16 -3.06 -4.17
N SER A 22 0.21 -2.16 -3.89
CA SER A 22 -0.60 -1.56 -4.92
C SER A 22 0.12 -0.37 -5.56
N LYS A 23 1.15 0.12 -4.88
CA LYS A 23 1.92 1.26 -5.37
C LYS A 23 1.05 2.51 -5.44
N ARG A 24 0.31 2.77 -4.37
CA ARG A 24 -0.56 3.93 -4.31
C ARG A 24 -0.33 4.72 -3.02
N CYS A 25 0.91 4.69 -2.52
CA CYS A 25 1.26 5.39 -1.30
C CYS A 25 1.66 6.84 -1.59
N LEU A 26 1.42 7.72 -0.62
CA LEU A 26 1.75 9.13 -0.77
C LEU A 26 2.49 9.65 0.46
N PHE A 27 3.34 10.65 0.25
CA PHE A 27 4.12 11.24 1.34
C PHE A 27 3.20 11.96 2.32
N TYR A 28 2.09 12.48 1.82
CA TYR A 28 1.14 13.21 2.65
C TYR A 28 0.13 12.25 3.29
N ALA A 29 -0.47 11.39 2.47
CA ALA A 29 -1.43 10.42 2.95
C ALA A 29 -0.77 9.37 3.83
N ALA A 30 0.42 8.93 3.40
CA ALA A 30 1.15 7.91 4.15
C ALA A 30 0.39 6.60 4.22
N LYS A 31 -0.70 6.51 3.44
CA LYS A 31 -1.52 5.31 3.41
C LYS A 31 -2.00 5.02 2.00
N CYS A 32 -2.00 3.73 1.63
CA CYS A 32 -2.44 3.33 0.31
C CYS A 32 -3.82 3.90 -0.03
N VAL A 33 -3.85 4.79 -1.01
CA VAL A 33 -5.10 5.42 -1.42
C VAL A 33 -5.45 5.06 -2.87
N SER A 34 -6.70 4.68 -3.10
CA SER A 34 -7.16 4.30 -4.42
C SER A 34 -6.86 5.41 -5.43
N SER A 1 8.32 -17.35 -8.34
CA SER A 1 7.45 -18.49 -8.10
C SER A 1 6.12 -18.05 -7.49
N GLN A 2 5.21 -17.61 -8.35
CA GLN A 2 3.90 -17.15 -7.89
C GLN A 2 4.04 -16.02 -6.88
N GLU A 3 2.91 -15.54 -6.38
CA GLU A 3 2.90 -14.47 -5.39
C GLU A 3 1.55 -14.39 -4.68
N GLN A 4 1.59 -14.39 -3.35
CA GLN A 4 0.37 -14.32 -2.55
C GLN A 4 0.55 -13.35 -1.38
N ARG A 5 -0.55 -13.05 -0.70
CA ARG A 5 -0.52 -12.14 0.44
C ARG A 5 -0.08 -10.74 0.02
N GLN A 6 -1.03 -9.82 -0.06
CA GLN A 6 -0.74 -8.46 -0.46
C GLN A 6 0.20 -7.79 0.53
N CYS A 7 0.80 -6.68 0.12
CA CYS A 7 1.73 -5.94 0.96
C CYS A 7 1.00 -4.86 1.77
N LYS A 8 0.26 -4.01 1.06
CA LYS A 8 -0.49 -2.94 1.70
C LYS A 8 -1.60 -2.43 0.79
N LYS A 9 -2.83 -2.82 1.10
CA LYS A 9 -3.99 -2.41 0.30
C LYS A 9 -4.44 -1.01 0.71
N ILE A 10 -5.60 -0.60 0.19
CA ILE A 10 -6.14 0.72 0.50
C ILE A 10 -6.48 0.83 1.98
N GLY A 11 -5.87 1.82 2.65
CA GLY A 11 -6.11 2.02 4.06
C GLY A 11 -4.96 1.55 4.92
N GLU A 12 -3.89 1.07 4.27
CA GLU A 12 -2.72 0.58 4.99
C GLU A 12 -1.72 1.70 5.23
N HIS A 13 -0.64 1.38 5.94
CA HIS A 13 0.39 2.37 6.24
C HIS A 13 1.64 2.12 5.38
N CYS A 14 2.26 3.21 4.93
CA CYS A 14 3.45 3.12 4.10
C CYS A 14 4.15 4.47 3.99
N TYR A 15 5.47 4.44 3.91
CA TYR A 15 6.25 5.68 3.81
C TYR A 15 6.42 6.09 2.35
N VAL A 16 6.50 5.10 1.47
CA VAL A 16 6.66 5.36 0.04
C VAL A 16 5.72 4.50 -0.79
N ALA A 17 5.72 4.72 -2.10
CA ALA A 17 4.87 3.96 -3.00
C ALA A 17 5.32 2.50 -3.09
N ASP A 18 6.62 2.30 -3.19
CA ASP A 18 7.19 0.96 -3.28
C ASP A 18 6.72 0.09 -2.11
N GLU A 19 6.54 0.72 -0.95
CA GLU A 19 6.09 0.00 0.24
C GLU A 19 4.72 -0.61 0.02
N CYS A 20 3.90 0.06 -0.78
CA CYS A 20 2.55 -0.41 -1.08
C CYS A 20 2.54 -1.31 -2.32
N CYS A 21 1.97 -2.50 -2.17
CA CYS A 21 1.90 -3.45 -3.27
C CYS A 21 1.13 -2.86 -4.45
N SER A 22 0.19 -1.98 -4.14
CA SER A 22 -0.63 -1.34 -5.18
C SER A 22 0.10 -0.14 -5.77
N LYS A 23 1.13 0.33 -5.08
CA LYS A 23 1.91 1.47 -5.54
C LYS A 23 1.05 2.74 -5.59
N ARG A 24 0.30 2.96 -4.52
CA ARG A 24 -0.57 4.14 -4.43
C ARG A 24 -0.34 4.89 -3.12
N CYS A 25 0.89 4.85 -2.62
CA CYS A 25 1.23 5.52 -1.38
C CYS A 25 1.64 6.96 -1.63
N LEU A 26 1.41 7.83 -0.63
CA LEU A 26 1.75 9.23 -0.75
C LEU A 26 2.48 9.73 0.49
N PHE A 27 3.33 10.73 0.31
CA PHE A 27 4.10 11.28 1.42
C PHE A 27 3.19 11.99 2.42
N TYR A 28 2.08 12.53 1.91
CA TYR A 28 1.12 13.24 2.75
C TYR A 28 0.12 12.27 3.36
N ALA A 29 -0.48 11.44 2.51
CA ALA A 29 -1.47 10.46 2.96
C ALA A 29 -0.81 9.38 3.83
N ALA A 30 0.37 8.94 3.40
CA ALA A 30 1.10 7.92 4.13
C ALA A 30 0.31 6.60 4.16
N LYS A 31 -0.75 6.54 3.38
CA LYS A 31 -1.59 5.35 3.31
C LYS A 31 -2.05 5.09 1.88
N CYS A 32 -2.06 3.81 1.50
CA CYS A 32 -2.49 3.43 0.16
C CYS A 32 -3.86 4.02 -0.17
N VAL A 33 -3.89 4.93 -1.14
CA VAL A 33 -5.13 5.57 -1.55
C VAL A 33 -5.46 5.25 -3.00
N SER A 34 -6.71 4.88 -3.24
CA SER A 34 -7.16 4.54 -4.58
C SER A 34 -6.85 5.66 -5.56
N SER A 1 -9.81 -14.24 0.34
CA SER A 1 -10.28 -14.74 1.64
C SER A 1 -9.20 -15.59 2.30
N GLN A 2 -8.80 -16.67 1.63
CA GLN A 2 -7.79 -17.56 2.17
C GLN A 2 -6.39 -17.02 1.88
N GLU A 3 -6.13 -16.66 0.63
CA GLU A 3 -4.84 -16.13 0.24
C GLU A 3 -4.57 -14.79 0.91
N GLN A 4 -3.30 -14.52 1.20
CA GLN A 4 -2.92 -13.27 1.84
C GLN A 4 -1.51 -12.86 1.44
N ARG A 5 -1.28 -12.73 0.13
CA ARG A 5 0.03 -12.35 -0.39
C ARG A 5 0.07 -10.86 -0.71
N GLN A 6 -0.55 -10.06 0.15
CA GLN A 6 -0.58 -8.61 -0.04
C GLN A 6 0.36 -7.91 0.93
N CYS A 7 0.94 -6.81 0.48
CA CYS A 7 1.87 -6.04 1.31
C CYS A 7 1.13 -4.95 2.08
N LYS A 8 0.38 -4.12 1.35
CA LYS A 8 -0.37 -3.03 1.96
C LYS A 8 -1.49 -2.56 1.04
N LYS A 9 -2.72 -2.95 1.35
CA LYS A 9 -3.88 -2.57 0.54
C LYS A 9 -4.35 -1.17 0.92
N ILE A 10 -5.49 -0.77 0.35
CA ILE A 10 -6.05 0.55 0.62
C ILE A 10 -6.38 0.71 2.11
N GLY A 11 -5.77 1.70 2.74
CA GLY A 11 -6.03 1.94 4.16
C GLY A 11 -4.87 1.49 5.03
N GLU A 12 -3.81 1.01 4.40
CA GLU A 12 -2.64 0.54 5.14
C GLU A 12 -1.64 1.67 5.34
N HIS A 13 -0.58 1.39 6.09
CA HIS A 13 0.46 2.39 6.36
C HIS A 13 1.69 2.13 5.50
N CYS A 14 2.32 3.22 5.03
CA CYS A 14 3.51 3.11 4.21
C CYS A 14 4.20 4.46 4.06
N TYR A 15 5.52 4.44 3.98
CA TYR A 15 6.30 5.67 3.85
C TYR A 15 6.47 6.04 2.39
N VAL A 16 6.56 5.04 1.53
CA VAL A 16 6.73 5.26 0.09
C VAL A 16 5.78 4.37 -0.72
N ALA A 17 5.80 4.55 -2.03
CA ALA A 17 4.95 3.76 -2.92
C ALA A 17 5.42 2.31 -2.97
N ASP A 18 6.72 2.11 -3.05
CA ASP A 18 7.29 0.77 -3.11
C ASP A 18 6.83 -0.07 -1.93
N GLU A 19 6.64 0.59 -0.78
CA GLU A 19 6.20 -0.10 0.42
C GLU A 19 4.82 -0.72 0.22
N CYS A 20 4.00 -0.08 -0.60
CA CYS A 20 2.66 -0.58 -0.88
C CYS A 20 2.66 -1.50 -2.10
N CYS A 21 2.10 -2.69 -1.93
CA CYS A 21 2.03 -3.67 -3.00
C CYS A 21 1.26 -3.12 -4.19
N SER A 22 0.31 -2.22 -3.92
CA SER A 22 -0.50 -1.63 -4.96
C SER A 22 0.22 -0.44 -5.59
N LYS A 23 1.24 0.06 -4.91
CA LYS A 23 2.02 1.20 -5.40
C LYS A 23 1.16 2.45 -5.48
N ARG A 24 0.39 2.71 -4.42
CA ARG A 24 -0.47 3.88 -4.36
C ARG A 24 -0.27 4.66 -3.07
N CYS A 25 0.97 4.65 -2.58
CA CYS A 25 1.31 5.35 -1.35
C CYS A 25 1.70 6.80 -1.64
N LEU A 26 1.46 7.67 -0.67
CA LEU A 26 1.79 9.08 -0.82
C LEU A 26 2.52 9.61 0.42
N PHE A 27 3.36 10.62 0.20
CA PHE A 27 4.13 11.21 1.30
C PHE A 27 3.19 11.93 2.28
N TYR A 28 2.09 12.46 1.75
CA TYR A 28 1.13 13.17 2.58
C TYR A 28 0.12 12.21 3.20
N ALA A 29 -0.46 11.35 2.38
CA ALA A 29 -1.44 10.39 2.86
C ALA A 29 -0.78 9.33 3.74
N ALA A 30 0.40 8.89 3.35
CA ALA A 30 1.14 7.89 4.10
C ALA A 30 0.37 6.58 4.16
N LYS A 31 -0.70 6.49 3.37
CA LYS A 31 -1.52 5.28 3.34
C LYS A 31 -1.98 4.97 1.91
N CYS A 32 -1.98 3.69 1.55
CA CYS A 32 -2.40 3.27 0.23
C CYS A 32 -3.77 3.84 -0.12
N VAL A 33 -3.81 4.73 -1.11
CA VAL A 33 -5.05 5.36 -1.54
C VAL A 33 -5.39 4.99 -2.98
N SER A 34 -6.63 4.60 -3.22
CA SER A 34 -7.07 4.23 -4.56
C SER A 34 -6.77 5.33 -5.56
N SER A 1 -8.50 -12.46 -10.27
CA SER A 1 -8.16 -13.88 -10.37
C SER A 1 -7.07 -14.26 -9.37
N GLN A 2 -5.93 -13.58 -9.47
CA GLN A 2 -4.81 -13.83 -8.57
C GLN A 2 -4.61 -12.68 -7.60
N GLU A 3 -5.06 -12.85 -6.37
CA GLU A 3 -4.92 -11.81 -5.35
C GLU A 3 -4.36 -12.39 -4.05
N GLN A 4 -3.36 -13.24 -4.18
CA GLN A 4 -2.74 -13.87 -3.02
C GLN A 4 -1.47 -13.13 -2.61
N ARG A 5 -1.20 -13.10 -1.32
CA ARG A 5 -0.02 -12.43 -0.79
C ARG A 5 -0.08 -10.92 -1.08
N GLN A 6 -0.37 -10.15 -0.03
CA GLN A 6 -0.47 -8.70 -0.18
C GLN A 6 0.48 -7.99 0.79
N CYS A 7 1.06 -6.88 0.35
CA CYS A 7 1.98 -6.12 1.18
C CYS A 7 1.24 -5.04 1.96
N LYS A 8 0.48 -4.21 1.25
CA LYS A 8 -0.28 -3.14 1.88
C LYS A 8 -1.41 -2.66 0.97
N LYS A 9 -2.63 -3.08 1.29
CA LYS A 9 -3.80 -2.69 0.50
C LYS A 9 -4.28 -1.30 0.89
N ILE A 10 -5.43 -0.90 0.35
CA ILE A 10 -6.00 0.40 0.64
C ILE A 10 -6.32 0.54 2.13
N GLY A 11 -5.72 1.54 2.76
CA GLY A 11 -5.96 1.76 4.18
C GLY A 11 -4.79 1.32 5.04
N GLU A 12 -3.73 0.85 4.39
CA GLU A 12 -2.55 0.40 5.12
C GLU A 12 -1.55 1.53 5.31
N HIS A 13 -0.48 1.25 6.04
CA HIS A 13 0.55 2.25 6.32
C HIS A 13 1.77 2.01 5.44
N CYS A 14 2.38 3.10 4.98
CA CYS A 14 3.57 3.02 4.14
C CYS A 14 4.24 4.38 4.00
N TYR A 15 5.57 4.37 3.91
CA TYR A 15 6.34 5.61 3.77
C TYR A 15 6.48 6.00 2.31
N VAL A 16 6.58 5.00 1.44
CA VAL A 16 6.72 5.23 0.01
C VAL A 16 5.79 4.34 -0.79
N ALA A 17 5.77 4.54 -2.11
CA ALA A 17 4.93 3.75 -2.99
C ALA A 17 5.40 2.30 -3.06
N ASP A 18 6.72 2.12 -3.16
CA ASP A 18 7.29 0.79 -3.24
C ASP A 18 6.85 -0.07 -2.06
N GLU A 19 6.67 0.57 -0.90
CA GLU A 19 6.25 -0.13 0.30
C GLU A 19 4.88 -0.77 0.11
N CYS A 20 4.03 -0.12 -0.70
CA CYS A 20 2.69 -0.63 -0.98
C CYS A 20 2.69 -1.54 -2.20
N CYS A 21 2.15 -2.74 -2.02
CA CYS A 21 2.07 -3.72 -3.11
C CYS A 21 1.28 -3.16 -4.29
N SER A 22 0.33 -2.28 -4.00
CA SER A 22 -0.50 -1.67 -5.03
C SER A 22 0.21 -0.47 -5.66
N LYS A 23 1.23 0.03 -4.98
CA LYS A 23 1.99 1.18 -5.47
C LYS A 23 1.11 2.42 -5.52
N ARG A 24 0.36 2.66 -4.46
CA ARG A 24 -0.51 3.83 -4.38
C ARG A 24 -0.29 4.60 -3.09
N CYS A 25 0.94 4.60 -2.60
CA CYS A 25 1.28 5.29 -1.37
C CYS A 25 1.66 6.74 -1.65
N LEU A 26 1.43 7.61 -0.67
CA LEU A 26 1.74 9.02 -0.82
C LEU A 26 2.48 9.55 0.41
N PHE A 27 3.31 10.55 0.21
CA PHE A 27 4.08 11.14 1.30
C PHE A 27 3.16 11.86 2.29
N TYR A 28 2.05 12.37 1.79
CA TYR A 28 1.08 13.08 2.63
C TYR A 28 0.09 12.10 3.26
N ALA A 29 -0.50 11.25 2.43
CA ALA A 29 -1.46 10.26 2.91
C ALA A 29 -0.78 9.21 3.77
N ALA A 30 0.41 8.78 3.36
CA ALA A 30 1.15 7.77 4.10
C ALA A 30 0.39 6.45 4.16
N LYS A 31 -0.68 6.36 3.38
CA LYS A 31 -1.49 5.15 3.35
C LYS A 31 -1.96 4.86 1.93
N CYS A 32 -1.96 3.58 1.55
CA CYS A 32 -2.39 3.16 0.23
C CYS A 32 -3.77 3.73 -0.10
N VAL A 33 -3.82 4.63 -1.08
CA VAL A 33 -5.07 5.24 -1.49
C VAL A 33 -5.42 4.88 -2.93
N SER A 34 -6.66 4.48 -3.16
CA SER A 34 -7.11 4.11 -4.50
C SER A 34 -6.83 5.23 -5.49
N SER A 1 -6.44 -23.35 -2.29
CA SER A 1 -5.03 -23.69 -2.24
C SER A 1 -4.17 -22.50 -2.63
N GLN A 2 -4.52 -21.87 -3.75
CA GLN A 2 -3.77 -20.72 -4.25
C GLN A 2 -4.16 -19.45 -3.50
N GLU A 3 -3.31 -19.03 -2.57
CA GLU A 3 -3.57 -17.83 -1.78
C GLU A 3 -2.29 -17.04 -1.55
N GLN A 4 -2.38 -15.72 -1.68
CA GLN A 4 -1.22 -14.85 -1.49
C GLN A 4 -1.61 -13.59 -0.72
N ARG A 5 -0.84 -13.27 0.31
CA ARG A 5 -1.10 -12.10 1.13
C ARG A 5 -0.43 -10.87 0.55
N GLN A 6 -1.21 -9.82 0.30
CA GLN A 6 -0.69 -8.59 -0.25
C GLN A 6 0.25 -7.90 0.73
N CYS A 7 0.85 -6.79 0.29
CA CYS A 7 1.77 -6.05 1.13
C CYS A 7 1.04 -4.95 1.91
N LYS A 8 0.30 -4.11 1.18
CA LYS A 8 -0.45 -3.03 1.80
C LYS A 8 -1.56 -2.53 0.87
N LYS A 9 -2.79 -2.92 1.18
CA LYS A 9 -3.94 -2.52 0.37
C LYS A 9 -4.40 -1.12 0.75
N ILE A 10 -5.56 -0.72 0.21
CA ILE A 10 -6.11 0.60 0.49
C ILE A 10 -6.44 0.75 1.98
N GLY A 11 -5.84 1.74 2.61
CA GLY A 11 -6.09 1.98 4.03
C GLY A 11 -4.94 1.52 4.90
N GLU A 12 -3.87 1.03 4.27
CA GLU A 12 -2.71 0.55 5.00
C GLU A 12 -1.70 1.68 5.22
N HIS A 13 -0.63 1.39 5.95
CA HIS A 13 0.41 2.37 6.24
C HIS A 13 1.64 2.11 5.38
N CYS A 14 2.27 3.19 4.92
CA CYS A 14 3.47 3.08 4.09
C CYS A 14 4.16 4.43 3.97
N TYR A 15 5.49 4.41 3.89
CA TYR A 15 6.27 5.63 3.77
C TYR A 15 6.44 6.01 2.30
N VAL A 16 6.53 5.01 1.44
CA VAL A 16 6.71 5.25 0.00
C VAL A 16 5.76 4.37 -0.81
N ALA A 17 5.77 4.55 -2.13
CA ALA A 17 4.92 3.78 -3.02
C ALA A 17 5.37 2.33 -3.08
N ASP A 18 6.69 2.12 -3.16
CA ASP A 18 7.25 0.78 -3.22
C ASP A 18 6.78 -0.07 -2.04
N GLU A 19 6.59 0.58 -0.90
CA GLU A 19 6.14 -0.11 0.31
C GLU A 19 4.76 -0.73 0.09
N CYS A 20 3.94 -0.08 -0.73
CA CYS A 20 2.60 -0.56 -1.01
C CYS A 20 2.60 -1.47 -2.24
N CYS A 21 2.03 -2.66 -2.07
CA CYS A 21 1.97 -3.64 -3.16
C CYS A 21 1.19 -3.08 -4.35
N SER A 22 0.25 -2.18 -4.06
CA SER A 22 -0.56 -1.56 -5.11
C SER A 22 0.17 -0.38 -5.73
N LYS A 23 1.20 0.11 -5.04
CA LYS A 23 1.98 1.24 -5.52
C LYS A 23 1.12 2.50 -5.59
N ARG A 24 0.36 2.76 -4.53
CA ARG A 24 -0.51 3.93 -4.48
C ARG A 24 -0.29 4.70 -3.18
N CYS A 25 0.94 4.68 -2.68
CA CYS A 25 1.28 5.37 -1.44
C CYS A 25 1.69 6.81 -1.72
N LEU A 26 1.44 7.69 -0.75
CA LEU A 26 1.78 9.10 -0.89
C LEU A 26 2.52 9.62 0.35
N PHE A 27 3.36 10.62 0.15
CA PHE A 27 4.13 11.19 1.24
C PHE A 27 3.20 11.92 2.23
N TYR A 28 2.10 12.45 1.71
CA TYR A 28 1.15 13.18 2.54
C TYR A 28 0.13 12.22 3.15
N ALA A 29 -0.46 11.37 2.32
CA ALA A 29 -1.44 10.40 2.79
C ALA A 29 -0.79 9.34 3.66
N ALA A 30 0.39 8.88 3.26
CA ALA A 30 1.12 7.87 4.01
C ALA A 30 0.34 6.56 4.07
N LYS A 31 -0.73 6.48 3.28
CA LYS A 31 -1.56 5.29 3.24
C LYS A 31 -2.03 5.00 1.81
N CYS A 32 -2.03 3.72 1.44
CA CYS A 32 -2.44 3.31 0.11
C CYS A 32 -3.81 3.89 -0.24
N VAL A 33 -3.84 4.79 -1.22
CA VAL A 33 -5.08 5.42 -1.64
C VAL A 33 -5.41 5.07 -3.09
N SER A 34 -6.66 4.69 -3.34
CA SER A 34 -7.10 4.32 -4.67
C SER A 34 -6.78 5.42 -5.68
N SER A 1 2.77 -21.10 -5.33
CA SER A 1 1.43 -20.82 -4.79
C SER A 1 0.65 -19.91 -5.73
N GLN A 2 -0.62 -20.22 -5.93
CA GLN A 2 -1.48 -19.43 -6.80
C GLN A 2 -1.47 -17.97 -6.39
N GLU A 3 -2.11 -17.65 -5.28
CA GLU A 3 -2.17 -16.29 -4.78
C GLU A 3 -1.16 -16.07 -3.65
N GLN A 4 -0.91 -14.81 -3.33
CA GLN A 4 0.04 -14.46 -2.27
C GLN A 4 -0.48 -13.30 -1.43
N ARG A 5 -0.17 -13.32 -0.14
CA ARG A 5 -0.60 -12.27 0.76
C ARG A 5 -0.12 -10.91 0.29
N GLN A 6 -1.06 -9.96 0.17
CA GLN A 6 -0.73 -8.61 -0.27
C GLN A 6 0.21 -7.92 0.71
N CYS A 7 0.82 -6.82 0.28
CA CYS A 7 1.73 -6.07 1.12
C CYS A 7 1.00 -4.98 1.89
N LYS A 8 0.26 -4.14 1.18
CA LYS A 8 -0.50 -3.07 1.79
C LYS A 8 -1.60 -2.57 0.86
N LYS A 9 -2.83 -2.96 1.16
CA LYS A 9 -3.98 -2.56 0.36
C LYS A 9 -4.44 -1.15 0.74
N ILE A 10 -5.59 -0.75 0.20
CA ILE A 10 -6.14 0.57 0.48
C ILE A 10 -6.48 0.72 1.96
N GLY A 11 -5.88 1.71 2.61
CA GLY A 11 -6.13 1.94 4.02
C GLY A 11 -4.99 1.48 4.89
N GLU A 12 -3.92 1.00 4.26
CA GLU A 12 -2.76 0.51 5.00
C GLU A 12 -1.75 1.64 5.22
N HIS A 13 -0.68 1.35 5.95
CA HIS A 13 0.35 2.33 6.23
C HIS A 13 1.59 2.08 5.39
N CYS A 14 2.22 3.15 4.92
CA CYS A 14 3.43 3.04 4.09
C CYS A 14 4.12 4.40 3.98
N TYR A 15 5.45 4.37 3.90
CA TYR A 15 6.23 5.60 3.78
C TYR A 15 6.40 5.98 2.31
N VAL A 16 6.49 4.98 1.45
CA VAL A 16 6.67 5.21 0.02
C VAL A 16 5.72 4.34 -0.80
N ALA A 17 5.74 4.53 -2.11
CA ALA A 17 4.89 3.76 -3.01
C ALA A 17 5.34 2.30 -3.06
N ASP A 18 6.65 2.10 -3.15
CA ASP A 18 7.21 0.76 -3.21
C ASP A 18 6.74 -0.09 -2.04
N GLU A 19 6.55 0.55 -0.89
CA GLU A 19 6.09 -0.15 0.31
C GLU A 19 4.72 -0.76 0.09
N CYS A 20 3.91 -0.10 -0.73
CA CYS A 20 2.56 -0.58 -1.01
C CYS A 20 2.56 -1.50 -2.24
N CYS A 21 1.99 -2.69 -2.08
CA CYS A 21 1.93 -3.66 -3.16
C CYS A 21 1.16 -3.10 -4.36
N SER A 22 0.22 -2.20 -4.08
CA SER A 22 -0.58 -1.59 -5.12
C SER A 22 0.14 -0.40 -5.74
N LYS A 23 1.17 0.09 -5.04
CA LYS A 23 1.95 1.22 -5.52
C LYS A 23 1.09 2.49 -5.59
N ARG A 24 0.33 2.74 -4.53
CA ARG A 24 -0.54 3.91 -4.48
C ARG A 24 -0.32 4.67 -3.17
N CYS A 25 0.91 4.65 -2.67
CA CYS A 25 1.24 5.35 -1.44
C CYS A 25 1.65 6.79 -1.71
N LEU A 26 1.41 7.66 -0.74
CA LEU A 26 1.75 9.07 -0.87
C LEU A 26 2.47 9.58 0.37
N PHE A 27 3.33 10.59 0.18
CA PHE A 27 4.09 11.16 1.27
C PHE A 27 3.17 11.88 2.26
N TYR A 28 2.06 12.42 1.74
CA TYR A 28 1.10 13.14 2.56
C TYR A 28 0.09 12.18 3.17
N ALA A 29 -0.50 11.34 2.34
CA ALA A 29 -1.48 10.36 2.80
C ALA A 29 -0.84 9.29 3.68
N ALA A 30 0.34 8.85 3.28
CA ALA A 30 1.07 7.83 4.03
C ALA A 30 0.30 6.53 4.08
N LYS A 31 -0.77 6.45 3.29
CA LYS A 31 -1.60 5.25 3.25
C LYS A 31 -2.06 4.96 1.82
N CYS A 32 -2.07 3.69 1.44
CA CYS A 32 -2.48 3.28 0.11
C CYS A 32 -3.85 3.86 -0.23
N VAL A 33 -3.88 4.76 -1.22
CA VAL A 33 -5.12 5.39 -1.64
C VAL A 33 -5.44 5.04 -3.09
N SER A 34 -6.69 4.66 -3.33
CA SER A 34 -7.13 4.29 -4.69
C SER A 34 -6.81 5.40 -5.68
N SER A 1 -6.68 -22.92 -7.70
CA SER A 1 -6.60 -21.50 -7.38
C SER A 1 -5.32 -21.19 -6.62
N GLN A 2 -4.68 -20.08 -6.96
CA GLN A 2 -3.45 -19.66 -6.31
C GLN A 2 -3.74 -18.79 -5.10
N GLU A 3 -2.74 -18.60 -4.26
CA GLU A 3 -2.89 -17.79 -3.05
C GLU A 3 -1.67 -16.90 -2.84
N GLN A 4 -1.92 -15.65 -2.47
CA GLN A 4 -0.84 -14.69 -2.23
C GLN A 4 -1.24 -13.66 -1.19
N ARG A 5 -0.25 -13.10 -0.50
CA ARG A 5 -0.49 -12.11 0.53
C ARG A 5 -0.02 -10.72 0.08
N GLN A 6 -0.97 -9.80 -0.08
CA GLN A 6 -0.66 -8.44 -0.50
C GLN A 6 0.31 -7.78 0.48
N CYS A 7 0.89 -6.66 0.06
CA CYS A 7 1.83 -5.93 0.91
C CYS A 7 1.10 -4.85 1.71
N LYS A 8 0.35 -4.01 1.01
CA LYS A 8 -0.40 -2.94 1.67
C LYS A 8 -1.53 -2.43 0.78
N LYS A 9 -2.75 -2.83 1.09
CA LYS A 9 -3.91 -2.41 0.31
C LYS A 9 -4.37 -1.02 0.73
N ILE A 10 -5.53 -0.62 0.22
CA ILE A 10 -6.09 0.69 0.54
C ILE A 10 -6.40 0.82 2.03
N GLY A 11 -5.79 1.79 2.69
CA GLY A 11 -6.01 1.99 4.10
C GLY A 11 -4.85 1.52 4.95
N GLU A 12 -3.80 1.05 4.29
CA GLU A 12 -2.61 0.57 5.00
C GLU A 12 -1.61 1.69 5.22
N HIS A 13 -0.52 1.39 5.92
CA HIS A 13 0.51 2.37 6.21
C HIS A 13 1.74 2.13 5.33
N CYS A 14 2.35 3.23 4.88
CA CYS A 14 3.54 3.14 4.04
C CYS A 14 4.22 4.50 3.92
N TYR A 15 5.55 4.48 3.83
CA TYR A 15 6.33 5.71 3.71
C TYR A 15 6.48 6.13 2.25
N VAL A 16 6.55 5.14 1.37
CA VAL A 16 6.69 5.41 -0.06
C VAL A 16 5.75 4.54 -0.88
N ALA A 17 5.72 4.77 -2.19
CA ALA A 17 4.87 4.00 -3.08
C ALA A 17 5.33 2.54 -3.18
N ASP A 18 6.63 2.36 -3.29
CA ASP A 18 7.20 1.01 -3.39
C ASP A 18 6.74 0.14 -2.22
N GLU A 19 6.58 0.77 -1.06
CA GLU A 19 6.15 0.04 0.13
C GLU A 19 4.77 -0.57 -0.07
N CYS A 20 3.94 0.09 -0.86
CA CYS A 20 2.59 -0.39 -1.14
C CYS A 20 2.58 -1.28 -2.38
N CYS A 21 2.02 -2.48 -2.23
CA CYS A 21 1.93 -3.43 -3.34
C CYS A 21 1.14 -2.84 -4.50
N SER A 22 0.20 -1.95 -4.18
CA SER A 22 -0.63 -1.32 -5.20
C SER A 22 0.09 -0.12 -5.81
N LYS A 23 1.12 0.36 -5.13
CA LYS A 23 1.88 1.51 -5.59
C LYS A 23 1.02 2.76 -5.62
N ARG A 24 0.28 2.99 -4.55
CA ARG A 24 -0.59 4.15 -4.45
C ARG A 24 -0.35 4.90 -3.13
N CYS A 25 0.89 4.87 -2.65
CA CYS A 25 1.24 5.54 -1.41
C CYS A 25 1.64 6.99 -1.66
N LEU A 26 1.40 7.84 -0.67
CA LEU A 26 1.74 9.26 -0.79
C LEU A 26 2.49 9.74 0.45
N PHE A 27 3.33 10.75 0.26
CA PHE A 27 4.11 11.31 1.36
C PHE A 27 3.21 12.01 2.37
N TYR A 28 2.10 12.56 1.88
CA TYR A 28 1.14 13.25 2.74
C TYR A 28 0.15 12.28 3.35
N ALA A 29 -0.45 11.44 2.51
CA ALA A 29 -1.43 10.46 2.98
C ALA A 29 -0.76 9.38 3.82
N ALA A 30 0.41 8.95 3.39
CA ALA A 30 1.16 7.92 4.10
C ALA A 30 0.38 6.61 4.14
N LYS A 31 -0.69 6.54 3.37
CA LYS A 31 -1.52 5.35 3.31
C LYS A 31 -2.00 5.08 1.88
N CYS A 32 -2.01 3.81 1.50
CA CYS A 32 -2.45 3.43 0.16
C CYS A 32 -3.82 4.01 -0.15
N VAL A 33 -3.87 4.93 -1.11
CA VAL A 33 -5.12 5.56 -1.50
C VAL A 33 -5.47 5.23 -2.95
N SER A 34 -6.72 4.86 -3.18
CA SER A 34 -7.18 4.52 -4.53
C SER A 34 -6.89 5.65 -5.50
N SER A 1 -9.07 -15.84 2.37
CA SER A 1 -10.47 -15.53 2.60
C SER A 1 -10.78 -14.09 2.22
N GLN A 2 -9.84 -13.20 2.48
CA GLN A 2 -10.01 -11.79 2.17
C GLN A 2 -8.75 -11.20 1.56
N GLU A 3 -7.61 -11.52 2.15
CA GLU A 3 -6.32 -11.04 1.67
C GLU A 3 -5.55 -12.14 0.93
N GLN A 4 -4.66 -11.73 0.04
CA GLN A 4 -3.87 -12.68 -0.73
C GLN A 4 -2.37 -12.47 -0.49
N ARG A 5 -1.99 -12.41 0.78
CA ARG A 5 -0.59 -12.20 1.15
C ARG A 5 -0.07 -10.90 0.57
N GLN A 6 -0.91 -9.87 0.58
CA GLN A 6 -0.53 -8.56 0.05
C GLN A 6 0.43 -7.86 1.00
N CYS A 7 1.00 -6.75 0.53
CA CYS A 7 1.94 -5.98 1.33
C CYS A 7 1.22 -4.89 2.13
N LYS A 8 0.44 -4.07 1.42
CA LYS A 8 -0.32 -3.00 2.07
C LYS A 8 -1.46 -2.53 1.17
N LYS A 9 -2.67 -2.94 1.52
CA LYS A 9 -3.86 -2.56 0.75
C LYS A 9 -4.33 -1.16 1.14
N ILE A 10 -5.49 -0.77 0.61
CA ILE A 10 -6.06 0.54 0.90
C ILE A 10 -6.35 0.68 2.40
N GLY A 11 -5.74 1.69 3.02
CA GLY A 11 -5.95 1.92 4.43
C GLY A 11 -4.77 1.49 5.27
N GLU A 12 -3.71 1.01 4.61
CA GLU A 12 -2.52 0.55 5.32
C GLU A 12 -1.52 1.69 5.48
N HIS A 13 -0.43 1.42 6.20
CA HIS A 13 0.60 2.42 6.44
C HIS A 13 1.81 2.19 5.55
N CYS A 14 2.41 3.27 5.06
CA CYS A 14 3.58 3.18 4.19
C CYS A 14 4.25 4.53 4.04
N TYR A 15 5.58 4.53 3.92
CA TYR A 15 6.34 5.76 3.76
C TYR A 15 6.46 6.14 2.30
N VAL A 16 6.53 5.14 1.43
CA VAL A 16 6.65 5.37 0.00
C VAL A 16 5.70 4.47 -0.78
N ALA A 17 5.66 4.66 -2.10
CA ALA A 17 4.80 3.87 -2.96
C ALA A 17 5.27 2.41 -3.03
N ASP A 18 6.58 2.23 -3.16
CA ASP A 18 7.17 0.90 -3.23
C ASP A 18 6.74 0.05 -2.03
N GLU A 19 6.58 0.69 -0.89
CA GLU A 19 6.19 0.01 0.33
C GLU A 19 4.81 -0.63 0.17
N CYS A 20 3.96 0.00 -0.63
CA CYS A 20 2.61 -0.50 -0.88
C CYS A 20 2.58 -1.42 -2.09
N CYS A 21 2.04 -2.62 -1.89
CA CYS A 21 1.95 -3.61 -2.97
C CYS A 21 1.13 -3.06 -4.14
N SER A 22 0.19 -2.17 -3.83
CA SER A 22 -0.66 -1.58 -4.86
C SER A 22 0.03 -0.38 -5.50
N LYS A 23 1.07 0.13 -4.85
CA LYS A 23 1.82 1.28 -5.36
C LYS A 23 0.94 2.51 -5.41
N ARG A 24 0.21 2.76 -4.32
CA ARG A 24 -0.66 3.92 -4.24
C ARG A 24 -0.42 4.70 -2.95
N CYS A 25 0.82 4.70 -2.50
CA CYS A 25 1.19 5.41 -1.28
C CYS A 25 1.56 6.86 -1.57
N LEU A 26 1.34 7.73 -0.60
CA LEU A 26 1.65 9.15 -0.76
C LEU A 26 2.41 9.67 0.45
N PHE A 27 3.24 10.69 0.23
CA PHE A 27 4.03 11.29 1.30
C PHE A 27 3.13 12.01 2.30
N TYR A 28 2.00 12.52 1.82
CA TYR A 28 1.05 13.23 2.67
C TYR A 28 0.08 12.25 3.32
N ALA A 29 -0.53 11.40 2.51
CA ALA A 29 -1.48 10.41 3.02
C ALA A 29 -0.79 9.36 3.88
N ALA A 30 0.40 8.93 3.44
CA ALA A 30 1.17 7.94 4.17
C ALA A 30 0.41 6.61 4.26
N LYS A 31 -0.68 6.52 3.50
CA LYS A 31 -1.50 5.30 3.49
C LYS A 31 -2.00 5.00 2.09
N CYS A 32 -2.00 3.72 1.72
CA CYS A 32 -2.46 3.30 0.40
C CYS A 32 -3.84 3.86 0.11
N VAL A 33 -3.91 4.74 -0.88
CA VAL A 33 -5.18 5.36 -1.27
C VAL A 33 -5.54 5.00 -2.71
N SER A 34 -6.79 4.59 -2.91
CA SER A 34 -7.27 4.21 -4.23
C SER A 34 -7.01 5.33 -5.24
N SER A 1 -1.60 -21.94 -8.89
CA SER A 1 -1.68 -20.87 -7.89
C SER A 1 -2.89 -19.98 -8.16
N GLN A 2 -3.34 -19.28 -7.12
CA GLN A 2 -4.48 -18.38 -7.24
C GLN A 2 -4.11 -16.95 -6.87
N GLU A 3 -3.88 -16.72 -5.58
CA GLU A 3 -3.51 -15.40 -5.10
C GLU A 3 -2.24 -15.47 -4.25
N GLN A 4 -1.81 -14.31 -3.75
CA GLN A 4 -0.60 -14.23 -2.93
C GLN A 4 -0.84 -13.35 -1.71
N ARG A 5 0.23 -13.09 -0.97
CA ARG A 5 0.15 -12.25 0.23
C ARG A 5 0.37 -10.79 -0.13
N GLN A 6 -0.65 -9.96 0.13
CA GLN A 6 -0.56 -8.54 -0.16
C GLN A 6 0.40 -7.85 0.81
N CYS A 7 0.97 -6.73 0.36
CA CYS A 7 1.91 -5.97 1.19
C CYS A 7 1.18 -4.89 1.98
N LYS A 8 0.41 -4.06 1.29
CA LYS A 8 -0.34 -2.99 1.92
C LYS A 8 -1.48 -2.51 1.02
N LYS A 9 -2.70 -2.92 1.35
CA LYS A 9 -3.87 -2.53 0.57
C LYS A 9 -4.34 -1.13 0.98
N ILE A 10 -5.50 -0.73 0.43
CA ILE A 10 -6.06 0.58 0.74
C ILE A 10 -6.37 0.71 2.22
N GLY A 11 -5.76 1.70 2.87
CA GLY A 11 -5.99 1.92 4.28
C GLY A 11 -4.82 1.47 5.13
N GLU A 12 -3.76 0.99 4.48
CA GLU A 12 -2.57 0.53 5.19
C GLU A 12 -1.58 1.67 5.39
N HIS A 13 -0.50 1.38 6.11
CA HIS A 13 0.53 2.38 6.38
C HIS A 13 1.75 2.15 5.49
N CYS A 14 2.36 3.23 5.03
CA CYS A 14 3.54 3.15 4.18
C CYS A 14 4.21 4.51 4.05
N TYR A 15 5.54 4.49 3.94
CA TYR A 15 6.30 5.73 3.81
C TYR A 15 6.46 6.12 2.35
N VAL A 16 6.54 5.13 1.48
CA VAL A 16 6.68 5.38 0.04
C VAL A 16 5.73 4.49 -0.76
N ALA A 17 5.71 4.69 -2.07
CA ALA A 17 4.85 3.91 -2.96
C ALA A 17 5.31 2.46 -3.04
N ASP A 18 6.63 2.28 -3.15
CA ASP A 18 7.21 0.94 -3.24
C ASP A 18 6.77 0.08 -2.05
N GLU A 19 6.60 0.72 -0.89
CA GLU A 19 6.18 0.01 0.31
C GLU A 19 4.81 -0.62 0.12
N CYS A 20 3.97 0.03 -0.68
CA CYS A 20 2.62 -0.47 -0.95
C CYS A 20 2.60 -1.38 -2.17
N CYS A 21 2.06 -2.57 -2.00
CA CYS A 21 1.98 -3.54 -3.09
C CYS A 21 1.17 -2.98 -4.25
N SER A 22 0.23 -2.09 -3.95
CA SER A 22 -0.60 -1.49 -4.98
C SER A 22 0.10 -0.29 -5.60
N LYS A 23 1.13 0.21 -4.93
CA LYS A 23 1.88 1.36 -5.42
C LYS A 23 1.01 2.60 -5.47
N ARG A 24 0.28 2.84 -4.38
CA ARG A 24 -0.60 4.01 -4.31
C ARG A 24 -0.37 4.78 -3.00
N CYS A 25 0.87 4.76 -2.53
CA CYS A 25 1.23 5.45 -1.29
C CYS A 25 1.61 6.90 -1.57
N LEU A 26 1.37 7.77 -0.59
CA LEU A 26 1.69 9.18 -0.73
C LEU A 26 2.44 9.70 0.50
N PHE A 27 3.28 10.70 0.30
CA PHE A 27 4.05 11.29 1.38
C PHE A 27 3.15 11.99 2.39
N TYR A 28 2.03 12.52 1.89
CA TYR A 28 1.07 13.22 2.74
C TYR A 28 0.08 12.25 3.37
N ALA A 29 -0.52 11.39 2.54
CA ALA A 29 -1.48 10.41 3.03
C ALA A 29 -0.79 9.35 3.88
N ALA A 30 0.39 8.91 3.45
CA ALA A 30 1.15 7.91 4.19
C ALA A 30 0.38 6.59 4.24
N LYS A 31 -0.70 6.50 3.48
CA LYS A 31 -1.52 5.29 3.44
C LYS A 31 -2.01 5.01 2.02
N CYS A 32 -2.00 3.73 1.64
CA CYS A 32 -2.44 3.33 0.32
C CYS A 32 -3.82 3.90 0.00
N VAL A 33 -3.88 4.80 -0.97
CA VAL A 33 -5.14 5.42 -1.37
C VAL A 33 -5.49 5.08 -2.81
N SER A 34 -6.73 4.68 -3.03
CA SER A 34 -7.20 4.32 -4.36
C SER A 34 -6.93 5.44 -5.37
#